data_2VA2
#
_entry.id   2VA2
#
_cell.length_a   52.139
_cell.length_b   101.875
_cell.length_c   111.062
_cell.angle_alpha   90.00
_cell.angle_beta   94.92
_cell.angle_gamma   90.00
#
_symmetry.space_group_name_H-M   'P 1 21 1'
#
loop_
_entity.id
_entity.type
_entity.pdbx_description
1 polymer 'DNA POLYMERASE IV'
2 polymer "5'-D(*GP*GP*GP*GP*GP*AP*AP*GP*GP*AP *CP*TP*A)-3'"
3 polymer "5'-D(*TP*TP*CP*AP*GP*DFTP*AP*GP*TP*CP*CP *TP*TP*CP*CP*CP*CP*C)-3'"
4 non-polymer 'CALCIUM ION'
5 non-polymer "2',3'-DIDEOXYCYTIDINE 5'-TRIPHOSPHATE"
6 water water
#
loop_
_entity_poly.entity_id
_entity_poly.type
_entity_poly.pdbx_seq_one_letter_code
_entity_poly.pdbx_strand_id
1 'polypeptide(L)'
;HHHHHHMIVLFVDFDYFYAQVEEVLNPSLKGKPVVVCVFSGRFEDSGAVATANYEARKFGVKAGIPIVEAKKILPNAVYL
PMRKEVYQQVSSRIMNLLREYSEKIEIASIDEAYLDISDKVRDYREAYNLGLEIKNKILEKEKITVTVGISKNKVFAKIA
ADMAKPNGIKVIDDEEVKRLIRELDIADVPGIGNITAEKLKKLGINKLVDTLSIEFDKLKGMIGEAKAKYLISLARDEYN
EPIRTRVRKSIGRIVTMKRNSRNLEEIKPYLFRAIEESYYKLDKRIPKAIHVVAVTEDLDIVSRGRTFPHGISKETAYSE
SVKLLQKILEEDERKIRRIGVRFSKFIEAIGLDKFFDT
;
A,B
2 'polydeoxyribonucleotide' (DG)(DG)(DG)(DG)(DG)(DA)(DA)(DG)(DG)(DA)(DC)(DT)(DA) C,E
3 'polydeoxyribonucleotide' (DT)(DT)(DC)(DA)(DG)(DFT)(DA)(DG)(DT)(DC)(DC)(DT)(DT)(DC)(DC)(DC)(DC)(DC) D,F
#
loop_
_chem_comp.id
_chem_comp.type
_chem_comp.name
_chem_comp.formula
CA non-polymer 'CALCIUM ION' 'Ca 2'
DA DNA linking 2'-DEOXYADENOSINE-5'-MONOPHOSPHATE 'C10 H14 N5 O6 P'
DC DNA linking 2'-DEOXYCYTIDINE-5'-MONOPHOSPHATE 'C9 H14 N3 O7 P'
DCT DNA linking '2',3'-DIDEOXYCYTIDINE 5'-TRIPHOSPHATE' 'C9 H16 N3 O12 P3'
DFT DNA linking 1-[2-DEOXYRIBOFURANOSYL]-2,4-DIFLUORO-5-METHYL-BENZENE-5'MONOPHOSPHATE 'C12 H15 F2 O6 P'
DG DNA linking 2'-DEOXYGUANOSINE-5'-MONOPHOSPHATE 'C10 H14 N5 O7 P'
DT DNA linking THYMIDINE-5'-MONOPHOSPHATE 'C10 H15 N2 O8 P'
#
# COMPACT_ATOMS: atom_id res chain seq x y z
N MET A 7 4.08 9.46 54.40
CA MET A 7 4.39 9.28 52.94
C MET A 7 4.58 10.61 52.22
N ILE A 8 5.77 10.81 51.65
CA ILE A 8 6.09 12.04 50.93
C ILE A 8 6.54 11.72 49.50
N VAL A 9 5.62 11.90 48.56
CA VAL A 9 5.88 11.61 47.16
C VAL A 9 6.47 12.80 46.42
N LEU A 10 7.41 12.55 45.53
CA LEU A 10 8.01 13.62 44.75
C LEU A 10 7.80 13.26 43.30
N PHE A 11 6.91 14.00 42.64
CA PHE A 11 6.58 13.77 41.25
C PHE A 11 7.43 14.60 40.29
N VAL A 12 7.91 13.98 39.23
CA VAL A 12 8.72 14.68 38.26
C VAL A 12 8.05 14.57 36.90
N ASP A 13 8.03 15.69 36.16
CA ASP A 13 7.39 15.73 34.86
C ASP A 13 8.11 16.70 33.92
N PHE A 14 8.84 16.17 32.93
CA PHE A 14 9.61 17.00 31.99
C PHE A 14 8.66 17.94 31.23
N ASP A 15 9.11 19.14 30.86
CA ASP A 15 8.23 20.08 30.20
C ASP A 15 8.22 19.89 28.69
N TYR A 16 7.04 19.79 28.10
CA TYR A 16 6.85 19.58 26.65
C TYR A 16 8.05 18.81 26.08
N PHE A 17 8.36 17.72 26.74
CA PHE A 17 9.49 16.87 26.43
C PHE A 17 9.93 16.76 25.00
N TYR A 18 9.03 16.37 24.10
CA TYR A 18 9.46 16.21 22.73
C TYR A 18 9.99 17.50 22.11
N ALA A 19 9.26 18.59 22.28
CA ALA A 19 9.66 19.85 21.69
C ALA A 19 10.93 20.37 22.34
N GLN A 20 11.08 20.12 23.64
CA GLN A 20 12.25 20.59 24.38
C GLN A 20 13.48 19.81 23.95
N VAL A 21 13.34 18.51 23.75
CA VAL A 21 14.48 17.72 23.34
C VAL A 21 14.94 18.20 21.99
N GLU A 22 14.01 18.62 21.16
CA GLU A 22 14.38 19.11 19.83
C GLU A 22 15.17 20.40 19.99
N GLU A 23 14.87 21.14 21.03
CA GLU A 23 15.55 22.39 21.30
C GLU A 23 16.96 22.15 21.77
N VAL A 24 17.10 21.21 22.70
CA VAL A 24 18.41 20.90 23.25
C VAL A 24 19.34 20.42 22.14
N LEU A 25 18.78 19.74 21.15
CA LEU A 25 19.59 19.24 20.06
C LEU A 25 19.80 20.33 19.03
N ASN A 26 18.91 21.32 19.02
CA ASN A 26 18.99 22.42 18.08
C ASN A 26 18.55 23.69 18.79
N PRO A 27 19.44 24.25 19.62
CA PRO A 27 19.18 25.47 20.40
C PRO A 27 18.65 26.67 19.60
N SER A 28 18.94 26.72 18.30
CA SER A 28 18.46 27.84 17.49
C SER A 28 16.93 27.89 17.52
N LEU A 29 16.32 26.81 17.97
CA LEU A 29 14.87 26.70 18.06
C LEU A 29 14.34 27.38 19.32
N LYS A 30 15.25 27.62 20.27
CA LYS A 30 14.88 28.26 21.53
C LYS A 30 14.24 29.61 21.26
N GLY A 31 13.07 29.85 21.86
CA GLY A 31 12.39 31.11 21.65
C GLY A 31 11.29 31.05 20.60
N LYS A 32 11.52 30.30 19.54
CA LYS A 32 10.54 30.15 18.45
C LYS A 32 9.56 29.03 18.80
N PRO A 33 8.27 29.20 18.45
CA PRO A 33 7.32 28.14 18.78
C PRO A 33 7.65 26.88 17.99
N VAL A 34 7.75 25.75 18.69
CA VAL A 34 8.07 24.47 18.03
C VAL A 34 6.90 23.49 18.15
N VAL A 35 6.57 22.88 17.02
CA VAL A 35 5.46 21.93 16.96
C VAL A 35 5.89 20.57 16.45
N VAL A 36 5.98 19.62 17.36
CA VAL A 36 6.37 18.27 16.98
C VAL A 36 5.08 17.55 16.61
N CYS A 37 5.02 17.05 15.38
CA CYS A 37 3.83 16.37 14.94
C CYS A 37 4.03 15.02 14.24
N VAL A 38 2.92 14.32 14.02
CA VAL A 38 2.93 13.03 13.35
C VAL A 38 2.25 13.20 11.99
N PHE A 39 3.05 13.20 10.92
CA PHE A 39 2.47 13.35 9.59
C PHE A 39 1.93 12.01 9.10
N SER A 40 0.61 11.93 8.96
CA SER A 40 -0.07 10.70 8.55
C SER A 40 0.24 10.27 7.11
N GLY A 41 0.77 11.17 6.30
CA GLY A 41 1.09 10.81 4.94
C GLY A 41 -0.11 10.65 4.00
N ARG A 42 -1.32 10.95 4.47
CA ARG A 42 -2.48 10.84 3.59
C ARG A 42 -2.48 11.99 2.59
N PHE A 43 -2.51 13.23 3.08
CA PHE A 43 -2.49 14.39 2.22
C PHE A 43 -1.47 15.41 2.72
N GLU A 44 -0.38 15.59 1.98
CA GLU A 44 0.68 16.53 2.34
C GLU A 44 0.87 16.76 3.83
N ASP A 45 0.21 17.79 4.35
CA ASP A 45 0.29 18.16 5.76
C ASP A 45 -0.72 17.47 6.66
N SER A 46 -1.13 16.27 6.27
CA SER A 46 -2.09 15.52 7.05
C SER A 46 -1.39 15.04 8.32
N GLY A 47 -2.16 14.74 9.35
CA GLY A 47 -1.57 14.30 10.58
C GLY A 47 -2.03 15.07 11.79
N ALA A 48 -1.43 14.77 12.94
CA ALA A 48 -1.78 15.43 14.20
C ALA A 48 -0.56 15.98 14.90
N VAL A 49 -0.80 16.85 15.88
CA VAL A 49 0.25 17.47 16.66
C VAL A 49 0.48 16.61 17.87
N ALA A 50 1.72 16.17 18.03
CA ALA A 50 2.08 15.35 19.17
C ALA A 50 2.36 16.24 20.37
N THR A 51 3.20 17.26 20.19
CA THR A 51 3.53 18.19 21.26
C THR A 51 4.12 19.49 20.70
N ALA A 52 4.06 20.54 21.53
CA ALA A 52 4.62 21.84 21.15
C ALA A 52 5.11 22.58 22.41
N ASN A 53 6.09 23.47 22.25
CA ASN A 53 6.58 24.22 23.40
C ASN A 53 5.53 25.26 23.78
N TYR A 54 5.77 25.98 24.86
CA TYR A 54 4.80 26.98 25.30
C TYR A 54 4.68 28.15 24.33
N GLU A 55 5.77 28.43 23.62
CA GLU A 55 5.76 29.50 22.64
C GLU A 55 4.62 29.28 21.65
N ALA A 56 4.19 28.03 21.48
CA ALA A 56 3.10 27.70 20.56
C ALA A 56 1.80 27.46 21.33
N ARG A 57 1.93 26.92 22.54
CA ARG A 57 0.79 26.65 23.40
C ARG A 57 0.02 27.95 23.66
N LYS A 58 0.77 29.02 23.89
CA LYS A 58 0.17 30.32 24.16
C LYS A 58 -0.88 30.71 23.12
N PHE A 59 -0.70 30.27 21.87
CA PHE A 59 -1.63 30.62 20.81
C PHE A 59 -2.63 29.55 20.44
N GLY A 60 -2.74 28.51 21.25
CA GLY A 60 -3.71 27.47 20.96
C GLY A 60 -3.22 26.23 20.22
N VAL A 61 -1.95 26.23 19.79
CA VAL A 61 -1.38 25.08 19.10
C VAL A 61 -1.02 24.05 20.15
N LYS A 62 -1.85 23.01 20.26
CA LYS A 62 -1.62 21.96 21.25
C LYS A 62 -1.73 20.54 20.71
N ALA A 63 -1.31 19.58 21.53
CA ALA A 63 -1.35 18.17 21.14
C ALA A 63 -2.79 17.73 20.82
N GLY A 64 -2.93 17.01 19.72
CA GLY A 64 -4.24 16.52 19.32
C GLY A 64 -4.85 17.26 18.11
N ILE A 65 -4.51 18.54 17.94
CA ILE A 65 -5.10 19.28 16.84
C ILE A 65 -4.46 18.91 15.52
N PRO A 66 -5.16 19.15 14.39
CA PRO A 66 -4.65 18.86 13.06
C PRO A 66 -3.50 19.79 12.66
N ILE A 67 -2.48 19.24 12.01
CA ILE A 67 -1.33 20.02 11.59
C ILE A 67 -1.80 21.23 10.78
N VAL A 68 -2.70 20.99 9.83
CA VAL A 68 -3.24 22.06 9.00
C VAL A 68 -3.72 23.23 9.86
N GLU A 69 -4.53 22.89 10.87
CA GLU A 69 -5.09 23.85 11.80
C GLU A 69 -3.95 24.63 12.45
N ALA A 70 -2.95 23.88 12.91
CA ALA A 70 -1.81 24.48 13.56
C ALA A 70 -1.09 25.44 12.62
N LYS A 71 -1.11 25.12 11.34
CA LYS A 71 -0.43 26.00 10.41
C LYS A 71 -1.23 27.26 10.12
N LYS A 72 -2.53 27.22 10.37
CA LYS A 72 -3.39 28.37 10.16
C LYS A 72 -3.28 29.32 11.35
N ILE A 73 -2.83 28.79 12.49
CA ILE A 73 -2.68 29.61 13.68
C ILE A 73 -1.26 30.14 13.71
N LEU A 74 -0.30 29.24 13.56
CA LEU A 74 1.11 29.60 13.57
C LEU A 74 1.79 29.13 12.29
N PRO A 75 1.47 29.79 11.17
CA PRO A 75 2.01 29.49 9.85
C PRO A 75 3.53 29.57 9.76
N ASN A 76 4.14 30.34 10.65
CA ASN A 76 5.59 30.48 10.62
C ASN A 76 6.34 29.67 11.68
N ALA A 77 5.59 28.97 12.55
CA ALA A 77 6.20 28.16 13.60
C ALA A 77 6.96 27.03 12.95
N VAL A 78 7.91 26.47 13.69
CA VAL A 78 8.69 25.37 13.16
C VAL A 78 8.00 24.03 13.40
N TYR A 79 7.85 23.27 12.31
CA TYR A 79 7.22 21.97 12.37
C TYR A 79 8.24 20.84 12.13
N LEU A 80 8.37 19.97 13.13
CA LEU A 80 9.31 18.85 13.09
C LEU A 80 8.60 17.51 13.21
N PRO A 81 9.08 16.50 12.48
CA PRO A 81 8.45 15.18 12.54
C PRO A 81 8.86 14.54 13.84
N MET A 82 7.96 13.78 14.43
CA MET A 82 8.30 13.17 15.70
C MET A 82 9.44 12.15 15.59
N ARG A 83 10.40 12.22 16.51
CA ARG A 83 11.53 11.28 16.54
C ARG A 83 11.56 10.54 17.87
N LYS A 84 10.51 9.75 18.11
CA LYS A 84 10.37 8.98 19.34
C LYS A 84 11.67 8.34 19.88
N GLU A 85 12.44 7.70 19.01
CA GLU A 85 13.68 7.02 19.40
C GLU A 85 14.66 7.94 20.16
N VAL A 86 14.84 9.15 19.65
CA VAL A 86 15.72 10.11 20.30
C VAL A 86 15.15 10.47 21.68
N TYR A 87 13.89 10.88 21.70
CA TYR A 87 13.27 11.28 22.95
C TYR A 87 13.41 10.18 23.97
N GLN A 88 13.22 8.95 23.50
CA GLN A 88 13.31 7.79 24.37
C GLN A 88 14.68 7.65 25.04
N GLN A 89 15.76 7.86 24.30
CA GLN A 89 17.08 7.72 24.89
C GLN A 89 17.38 8.82 25.90
N VAL A 90 16.97 10.05 25.58
CA VAL A 90 17.18 11.16 26.48
C VAL A 90 16.45 10.85 27.78
N SER A 91 15.23 10.35 27.64
CA SER A 91 14.42 10.00 28.79
C SER A 91 15.13 8.99 29.66
N SER A 92 15.57 7.91 29.04
CA SER A 92 16.28 6.86 29.78
C SER A 92 17.39 7.47 30.62
N ARG A 93 18.22 8.31 30.00
CA ARG A 93 19.33 8.92 30.72
C ARG A 93 18.83 9.69 31.92
N ILE A 94 17.77 10.47 31.74
CA ILE A 94 17.24 11.22 32.86
C ILE A 94 16.68 10.26 33.90
N MET A 95 15.86 9.31 33.47
CA MET A 95 15.29 8.37 34.42
C MET A 95 16.36 7.75 35.31
N ASN A 96 17.56 7.56 34.76
CA ASN A 96 18.64 6.99 35.54
C ASN A 96 19.12 7.95 36.60
N LEU A 97 19.08 9.25 36.30
CA LEU A 97 19.50 10.26 37.27
C LEU A 97 18.56 10.17 38.47
N LEU A 98 17.26 10.14 38.20
CA LEU A 98 16.25 10.07 39.25
C LEU A 98 16.48 8.83 40.11
N ARG A 99 16.84 7.74 39.45
CA ARG A 99 17.08 6.48 40.13
C ARG A 99 18.00 6.69 41.33
N GLU A 100 18.92 7.63 41.22
CA GLU A 100 19.88 7.92 42.28
C GLU A 100 19.31 8.71 43.45
N TYR A 101 18.01 8.99 43.44
CA TYR A 101 17.40 9.74 44.53
C TYR A 101 16.40 8.92 45.32
N SER A 102 16.22 7.66 44.93
CA SER A 102 15.28 6.79 45.64
C SER A 102 15.09 5.50 44.89
N GLU A 103 15.27 4.37 45.57
CA GLU A 103 15.09 3.08 44.92
C GLU A 103 13.61 2.88 44.63
N LYS A 104 12.78 3.58 45.39
CA LYS A 104 11.33 3.48 45.22
C LYS A 104 10.89 4.51 44.17
N ILE A 105 10.95 4.13 42.91
CA ILE A 105 10.60 5.04 41.83
C ILE A 105 9.70 4.36 40.83
N GLU A 106 8.66 5.07 40.42
CA GLU A 106 7.72 4.53 39.47
C GLU A 106 7.69 5.34 38.18
N ILE A 107 8.21 4.75 37.11
CA ILE A 107 8.23 5.41 35.81
C ILE A 107 6.84 5.25 35.20
N ALA A 108 6.07 6.34 35.18
CA ALA A 108 4.71 6.30 34.63
C ALA A 108 4.63 6.42 33.13
N SER A 109 5.65 7.05 32.56
CA SER A 109 5.68 7.28 31.13
C SER A 109 7.06 7.80 30.75
N ILE A 110 7.25 8.01 29.44
CA ILE A 110 8.51 8.46 28.90
C ILE A 110 9.04 9.73 29.54
N ASP A 111 8.14 10.53 30.13
CA ASP A 111 8.54 11.78 30.77
C ASP A 111 7.97 12.01 32.15
N GLU A 112 7.54 10.94 32.81
CA GLU A 112 6.97 11.07 34.14
C GLU A 112 7.49 10.01 35.09
N ALA A 113 7.74 10.42 36.33
CA ALA A 113 8.22 9.51 37.37
C ALA A 113 7.74 9.92 38.76
N TYR A 114 7.46 8.93 39.60
CA TYR A 114 7.02 9.19 40.96
C TYR A 114 8.08 8.69 41.93
N LEU A 115 8.55 9.57 42.80
CA LEU A 115 9.55 9.20 43.78
C LEU A 115 8.89 9.08 45.14
N ASP A 116 9.34 8.12 45.94
CA ASP A 116 8.80 7.93 47.29
C ASP A 116 9.91 8.25 48.24
N ILE A 117 10.20 9.54 48.39
CA ILE A 117 11.29 9.95 49.27
C ILE A 117 10.95 9.95 50.76
N SER A 118 9.92 9.19 51.15
CA SER A 118 9.53 9.13 52.56
C SER A 118 10.70 8.84 53.48
N ASP A 119 11.54 7.88 53.12
CA ASP A 119 12.68 7.53 53.94
C ASP A 119 13.87 8.39 53.56
N LYS A 120 13.70 9.23 52.55
CA LYS A 120 14.79 10.09 52.09
C LYS A 120 14.77 11.46 52.73
N VAL A 121 13.60 11.92 53.12
CA VAL A 121 13.48 13.25 53.73
C VAL A 121 12.50 13.21 54.92
N ARG A 122 12.48 14.28 55.72
CA ARG A 122 11.62 14.33 56.91
C ARG A 122 10.53 15.39 57.05
N ASP A 123 10.65 16.56 56.40
CA ASP A 123 9.61 17.58 56.58
C ASP A 123 8.75 18.04 55.39
N TYR A 124 9.42 18.55 54.36
CA TYR A 124 8.80 19.07 53.14
C TYR A 124 9.70 20.23 52.74
N ARG A 125 10.45 20.71 53.73
CA ARG A 125 11.37 21.81 53.50
C ARG A 125 12.53 21.29 52.63
N GLU A 126 12.94 20.05 52.86
CA GLU A 126 14.01 19.45 52.06
C GLU A 126 13.37 18.83 50.83
N ALA A 127 12.17 18.28 50.98
CA ALA A 127 11.48 17.69 49.85
C ALA A 127 11.60 18.77 48.79
N TYR A 128 11.28 19.99 49.17
CA TYR A 128 11.37 21.12 48.26
C TYR A 128 12.82 21.23 47.82
N ASN A 129 13.72 21.24 48.80
CA ASN A 129 15.13 21.36 48.49
C ASN A 129 15.61 20.19 47.64
N LEU A 130 15.21 18.99 48.03
CA LEU A 130 15.56 17.77 47.31
C LEU A 130 15.13 17.94 45.86
N GLY A 131 13.86 18.31 45.69
CA GLY A 131 13.33 18.54 44.36
C GLY A 131 14.14 19.60 43.64
N LEU A 132 14.68 20.55 44.39
CA LEU A 132 15.49 21.60 43.78
C LEU A 132 16.76 20.99 43.20
N GLU A 133 17.35 20.05 43.94
CA GLU A 133 18.57 19.39 43.51
C GLU A 133 18.28 18.57 42.25
N ILE A 134 17.15 17.87 42.25
CA ILE A 134 16.76 17.07 41.10
C ILE A 134 16.64 17.97 39.87
N LYS A 135 16.06 19.15 40.04
CA LYS A 135 15.91 20.07 38.92
C LYS A 135 17.28 20.58 38.44
N ASN A 136 18.11 21.01 39.37
CA ASN A 136 19.41 21.53 38.99
C ASN A 136 20.34 20.40 38.51
N LYS A 137 19.92 19.16 38.76
CA LYS A 137 20.70 18.00 38.35
C LYS A 137 20.40 17.70 36.88
N ILE A 138 19.12 17.49 36.60
CA ILE A 138 18.65 17.19 35.27
C ILE A 138 19.05 18.28 34.30
N LEU A 139 18.97 19.51 34.77
CA LEU A 139 19.30 20.68 33.95
C LEU A 139 20.80 20.71 33.72
N GLU A 140 21.54 20.48 34.80
CA GLU A 140 22.99 20.47 34.72
C GLU A 140 23.52 19.37 33.78
N LYS A 141 22.86 18.23 33.75
CA LYS A 141 23.34 17.12 32.92
C LYS A 141 22.72 16.96 31.55
N GLU A 142 21.44 17.29 31.41
CA GLU A 142 20.77 17.12 30.12
C GLU A 142 20.18 18.39 29.56
N LYS A 143 20.37 19.51 30.25
CA LYS A 143 19.83 20.78 29.82
C LYS A 143 18.32 20.71 29.60
N ILE A 144 17.66 19.89 30.41
CA ILE A 144 16.20 19.69 30.35
C ILE A 144 15.52 20.21 31.62
N THR A 145 14.56 21.12 31.46
CA THR A 145 13.87 21.65 32.63
C THR A 145 12.67 20.78 32.91
N VAL A 146 12.40 20.51 34.19
CA VAL A 146 11.27 19.67 34.53
C VAL A 146 10.39 20.40 35.52
N THR A 147 9.40 19.71 36.08
CA THR A 147 8.51 20.33 37.04
C THR A 147 8.25 19.30 38.13
N VAL A 148 8.45 19.71 39.38
CA VAL A 148 8.25 18.81 40.51
C VAL A 148 7.00 19.13 41.29
N GLY A 149 6.28 18.09 41.71
CA GLY A 149 5.07 18.28 42.48
C GLY A 149 5.13 17.36 43.69
N ILE A 150 5.35 17.93 44.86
CA ILE A 150 5.46 17.16 46.08
C ILE A 150 4.19 17.14 46.89
N SER A 151 3.94 16.04 47.60
CA SER A 151 2.76 15.95 48.43
C SER A 151 2.68 14.63 49.19
N LYS A 152 1.49 14.28 49.66
CA LYS A 152 1.32 13.05 50.44
C LYS A 152 0.94 11.81 49.66
N ASN A 153 0.70 11.96 48.36
CA ASN A 153 0.38 10.83 47.52
C ASN A 153 0.51 11.17 46.05
N LYS A 154 0.67 10.12 45.26
CA LYS A 154 0.83 10.26 43.83
C LYS A 154 -0.15 11.28 43.24
N VAL A 155 -1.44 11.04 43.43
CA VAL A 155 -2.43 11.92 42.86
C VAL A 155 -2.20 13.40 43.14
N PHE A 156 -2.11 13.77 44.42
CA PHE A 156 -1.88 15.18 44.73
C PHE A 156 -0.53 15.67 44.26
N ALA A 157 0.46 14.79 44.28
CA ALA A 157 1.80 15.17 43.83
C ALA A 157 1.64 15.65 42.40
N LYS A 158 0.96 14.84 41.61
CA LYS A 158 0.76 15.20 40.21
C LYS A 158 0.07 16.56 40.12
N ILE A 159 -1.06 16.69 40.81
CA ILE A 159 -1.81 17.93 40.80
C ILE A 159 -0.92 19.13 41.10
N ALA A 160 -0.06 18.97 42.10
CA ALA A 160 0.87 20.03 42.46
C ALA A 160 1.69 20.38 41.21
N ALA A 161 2.25 19.35 40.58
CA ALA A 161 3.05 19.54 39.38
C ALA A 161 2.24 20.20 38.28
N ASP A 162 0.98 19.78 38.13
CA ASP A 162 0.13 20.34 37.08
C ASP A 162 0.02 21.86 37.22
N MET A 163 -0.07 22.34 38.46
CA MET A 163 -0.19 23.76 38.73
C MET A 163 1.12 24.50 38.61
N ALA A 164 2.23 23.83 38.85
CA ALA A 164 3.51 24.50 38.80
C ALA A 164 4.23 24.52 37.47
N LYS A 165 3.76 23.74 36.51
CA LYS A 165 4.43 23.70 35.21
C LYS A 165 4.25 24.99 34.41
N PRO A 166 5.27 25.37 33.61
CA PRO A 166 6.56 24.70 33.39
C PRO A 166 7.64 25.18 34.33
N ASN A 167 8.80 24.53 34.23
CA ASN A 167 9.96 24.84 35.07
C ASN A 167 9.60 25.24 36.49
N GLY A 168 8.71 24.48 37.13
CA GLY A 168 8.31 24.84 38.47
C GLY A 168 8.58 23.80 39.53
N ILE A 169 7.93 23.97 40.67
CA ILE A 169 8.05 23.05 41.78
C ILE A 169 7.13 23.53 42.88
N LYS A 170 6.08 22.78 43.13
CA LYS A 170 5.11 23.14 44.13
C LYS A 170 4.90 22.04 45.15
N VAL A 171 4.60 22.44 46.39
CA VAL A 171 4.34 21.49 47.45
C VAL A 171 2.89 21.66 47.88
N ILE A 172 2.34 20.65 48.53
CA ILE A 172 0.96 20.74 49.00
C ILE A 172 0.86 20.28 50.43
N ASP A 173 0.90 21.23 51.36
CA ASP A 173 0.79 20.97 52.79
C ASP A 173 -0.53 20.29 53.04
N ASP A 174 -0.56 19.38 54.02
CA ASP A 174 -1.78 18.66 54.37
C ASP A 174 -2.91 19.69 54.48
N GLU A 175 -2.50 20.91 54.80
CA GLU A 175 -3.41 22.04 54.92
C GLU A 175 -4.08 22.28 53.59
N GLU A 176 -3.27 22.63 52.58
CA GLU A 176 -3.79 22.89 51.25
C GLU A 176 -4.48 21.66 50.68
N VAL A 177 -4.06 20.48 51.11
CA VAL A 177 -4.70 19.26 50.64
C VAL A 177 -6.16 19.37 51.02
N LYS A 178 -6.41 19.94 52.19
CA LYS A 178 -7.75 20.13 52.73
C LYS A 178 -8.51 21.14 51.87
N ARG A 179 -7.84 22.23 51.55
CA ARG A 179 -8.45 23.27 50.73
C ARG A 179 -8.80 22.74 49.35
N LEU A 180 -7.82 22.13 48.67
CA LEU A 180 -8.03 21.60 47.33
C LEU A 180 -9.17 20.61 47.27
N ILE A 181 -9.32 19.80 48.31
CA ILE A 181 -10.42 18.84 48.33
C ILE A 181 -11.74 19.59 48.31
N ARG A 182 -11.68 20.90 48.56
CA ARG A 182 -12.88 21.73 48.58
C ARG A 182 -12.98 22.77 47.46
N GLU A 183 -11.85 23.34 47.04
CA GLU A 183 -11.87 24.36 45.99
C GLU A 183 -11.22 23.97 44.66
N LEU A 184 -11.14 22.67 44.37
CA LEU A 184 -10.53 22.21 43.12
C LEU A 184 -11.59 21.54 42.27
N ASP A 185 -11.69 21.95 41.02
N ASP A 185 -11.70 21.95 41.02
CA ASP A 185 -12.68 21.35 40.12
CA ASP A 185 -12.68 21.34 40.13
C ASP A 185 -12.31 19.88 39.93
C ASP A 185 -12.30 19.88 39.94
N ILE A 186 -13.22 18.98 40.31
CA ILE A 186 -12.97 17.57 40.19
C ILE A 186 -12.43 17.17 38.80
N ALA A 187 -12.58 18.07 37.84
CA ALA A 187 -12.10 17.82 36.49
C ALA A 187 -10.61 18.15 36.37
N ASP A 188 -9.97 18.50 37.48
CA ASP A 188 -8.56 18.80 37.44
C ASP A 188 -7.92 17.66 38.20
N VAL A 189 -8.75 16.68 38.52
CA VAL A 189 -8.29 15.51 39.26
C VAL A 189 -7.90 14.37 38.33
N PRO A 190 -6.65 13.91 38.42
CA PRO A 190 -6.15 12.83 37.59
C PRO A 190 -7.15 11.70 37.44
N GLY A 191 -7.30 11.23 36.20
CA GLY A 191 -8.19 10.12 35.92
C GLY A 191 -9.64 10.48 35.64
N ILE A 192 -9.96 11.75 35.77
CA ILE A 192 -11.31 12.18 35.53
C ILE A 192 -11.32 12.90 34.19
N GLY A 193 -11.83 12.23 33.16
CA GLY A 193 -11.87 12.83 31.83
C GLY A 193 -13.24 13.37 31.45
N ASN A 194 -13.29 14.13 30.36
CA ASN A 194 -14.54 14.72 29.89
C ASN A 194 -15.77 13.83 30.09
N ILE A 195 -15.68 12.57 29.70
CA ILE A 195 -16.80 11.64 29.81
C ILE A 195 -17.25 11.43 31.25
N THR A 196 -16.32 11.55 32.19
CA THR A 196 -16.64 11.40 33.60
C THR A 196 -16.84 12.78 34.20
N ALA A 197 -16.19 13.79 33.62
CA ALA A 197 -16.31 15.15 34.10
C ALA A 197 -17.78 15.53 34.03
N GLU A 198 -18.32 15.56 32.81
CA GLU A 198 -19.73 15.91 32.61
C GLU A 198 -20.62 14.97 33.40
N LYS A 199 -20.43 13.68 33.18
CA LYS A 199 -21.21 12.66 33.87
C LYS A 199 -21.33 12.99 35.35
N LEU A 200 -20.28 13.59 35.92
CA LEU A 200 -20.29 13.97 37.33
C LEU A 200 -21.12 15.22 37.51
N LYS A 201 -20.78 16.26 36.74
CA LYS A 201 -21.49 17.53 36.78
C LYS A 201 -23.00 17.32 36.81
N LYS A 202 -23.50 16.40 36.00
CA LYS A 202 -24.92 16.14 36.00
C LYS A 202 -25.36 15.85 37.42
N LEU A 203 -24.47 15.27 38.20
CA LEU A 203 -24.76 14.95 39.59
C LEU A 203 -24.50 16.15 40.49
N GLY A 204 -24.14 17.26 39.88
CA GLY A 204 -23.87 18.46 40.64
C GLY A 204 -22.47 18.59 41.23
N ILE A 205 -21.68 17.53 41.18
CA ILE A 205 -20.33 17.55 41.74
C ILE A 205 -19.39 18.39 40.91
N ASN A 206 -18.83 19.42 41.54
CA ASN A 206 -17.91 20.32 40.85
C ASN A 206 -16.59 20.37 41.59
N LYS A 207 -16.60 19.90 42.83
CA LYS A 207 -15.41 19.88 43.67
C LYS A 207 -15.26 18.51 44.29
N LEU A 208 -14.01 18.10 44.49
CA LEU A 208 -13.71 16.78 45.04
C LEU A 208 -14.53 16.39 46.28
N VAL A 209 -14.67 17.30 47.22
CA VAL A 209 -15.42 17.03 48.46
C VAL A 209 -16.93 16.78 48.25
N ASP A 210 -17.49 17.32 47.18
CA ASP A 210 -18.91 17.14 46.88
C ASP A 210 -19.30 15.67 46.75
N THR A 211 -18.31 14.80 46.66
CA THR A 211 -18.57 13.37 46.53
C THR A 211 -18.98 12.76 47.84
N LEU A 212 -18.47 13.36 48.93
CA LEU A 212 -18.75 12.87 50.27
C LEU A 212 -20.24 12.86 50.60
N SER A 213 -20.99 13.71 49.89
CA SER A 213 -22.44 13.83 50.10
C SER A 213 -23.20 12.66 49.48
N ILE A 214 -23.38 12.72 48.16
CA ILE A 214 -24.08 11.70 47.36
C ILE A 214 -24.03 10.31 47.98
N GLU A 215 -25.16 9.60 47.99
CA GLU A 215 -25.15 8.26 48.55
C GLU A 215 -24.30 7.44 47.59
N PHE A 216 -23.60 6.45 48.11
CA PHE A 216 -22.72 5.63 47.28
C PHE A 216 -23.31 5.03 46.00
N ASP A 217 -24.11 3.98 46.13
CA ASP A 217 -24.70 3.32 44.97
C ASP A 217 -25.10 4.26 43.82
N LYS A 218 -25.29 5.55 44.11
CA LYS A 218 -25.64 6.48 43.04
C LYS A 218 -24.40 6.85 42.27
N LEU A 219 -23.28 6.94 42.98
CA LEU A 219 -22.01 7.26 42.37
C LEU A 219 -21.47 6.06 41.63
N LYS A 220 -21.24 4.97 42.35
CA LYS A 220 -20.72 3.75 41.72
C LYS A 220 -21.78 3.18 40.79
N GLY A 221 -22.68 4.05 40.34
CA GLY A 221 -23.74 3.64 39.46
C GLY A 221 -23.66 4.40 38.16
N MET A 222 -23.04 5.56 38.21
CA MET A 222 -22.91 6.35 37.00
C MET A 222 -21.46 6.60 36.58
N ILE A 223 -20.51 6.15 37.39
CA ILE A 223 -19.11 6.32 37.05
C ILE A 223 -18.36 5.05 37.45
N GLY A 224 -19.09 4.00 37.75
CA GLY A 224 -18.47 2.74 38.11
C GLY A 224 -17.93 2.69 39.53
N GLU A 225 -17.94 1.49 40.10
CA GLU A 225 -17.48 1.24 41.45
C GLU A 225 -16.07 1.76 41.71
N ALA A 226 -15.11 1.24 40.94
CA ALA A 226 -13.71 1.59 41.07
C ALA A 226 -13.50 3.10 41.16
N LYS A 227 -13.87 3.81 40.10
CA LYS A 227 -13.71 5.26 40.06
C LYS A 227 -14.43 5.91 41.23
N ALA A 228 -15.63 5.45 41.50
CA ALA A 228 -16.43 5.99 42.59
C ALA A 228 -15.55 6.01 43.84
N LYS A 229 -15.03 4.85 44.21
CA LYS A 229 -14.16 4.78 45.38
C LYS A 229 -12.98 5.72 45.22
N TYR A 230 -12.24 5.56 44.15
CA TYR A 230 -11.08 6.41 43.94
C TYR A 230 -11.31 7.86 44.38
N LEU A 231 -12.32 8.50 43.79
CA LEU A 231 -12.64 9.87 44.13
C LEU A 231 -12.97 10.04 45.61
N ILE A 232 -13.73 9.10 46.16
CA ILE A 232 -14.10 9.15 47.57
C ILE A 232 -12.87 9.13 48.44
N SER A 233 -12.13 8.00 48.41
CA SER A 233 -10.91 7.84 49.19
C SER A 233 -10.00 9.06 49.03
N LEU A 234 -10.08 9.73 47.88
CA LEU A 234 -9.26 10.90 47.68
C LEU A 234 -9.75 12.08 48.48
N ALA A 235 -11.04 12.38 48.37
CA ALA A 235 -11.65 13.51 49.08
C ALA A 235 -11.67 13.26 50.57
N ARG A 236 -11.96 12.00 50.95
CA ARG A 236 -12.02 11.59 52.34
C ARG A 236 -10.59 11.50 52.88
N ASP A 237 -9.67 12.11 52.14
CA ASP A 237 -8.25 12.13 52.47
C ASP A 237 -7.73 10.78 52.97
N GLU A 238 -7.78 9.77 52.12
CA GLU A 238 -7.32 8.45 52.50
C GLU A 238 -6.66 7.72 51.34
N TYR A 239 -6.21 8.48 50.34
CA TYR A 239 -5.57 7.84 49.20
C TYR A 239 -4.32 7.14 49.68
N ASN A 240 -4.29 5.82 49.50
CA ASN A 240 -3.16 4.98 49.90
C ASN A 240 -2.13 4.82 48.78
N GLU A 241 -2.43 3.93 47.82
CA GLU A 241 -1.59 3.61 46.66
C GLU A 241 -0.11 3.95 46.74
N PRO A 242 0.74 2.93 46.88
CA PRO A 242 2.19 3.06 46.99
C PRO A 242 2.88 3.23 45.64
N ILE A 243 4.17 3.50 45.70
CA ILE A 243 4.97 3.68 44.49
C ILE A 243 5.68 2.38 44.20
N ARG A 244 5.12 1.59 43.30
CA ARG A 244 5.72 0.32 42.93
C ARG A 244 6.28 0.39 41.51
N THR A 245 7.36 -0.37 41.27
CA THR A 245 8.01 -0.40 39.97
C THR A 245 7.07 -0.88 38.87
N ARG A 246 6.75 -0.01 37.92
N ARG A 246 6.76 -0.01 37.93
CA ARG A 246 5.86 -0.37 36.83
CA ARG A 246 5.88 -0.38 36.84
C ARG A 246 6.56 -1.31 35.86
C ARG A 246 6.57 -1.33 35.88
N VAL A 247 5.81 -2.24 35.28
CA VAL A 247 6.37 -3.19 34.33
C VAL A 247 5.52 -3.21 33.08
N ARG A 248 6.18 -3.01 31.96
CA ARG A 248 5.48 -2.99 30.68
C ARG A 248 4.72 -4.30 30.48
N LYS A 249 3.40 -4.18 30.34
CA LYS A 249 2.50 -5.30 30.18
C LYS A 249 2.04 -5.51 28.72
N SER A 250 2.31 -4.52 27.88
CA SER A 250 1.92 -4.62 26.48
C SER A 250 2.72 -3.66 25.62
N ILE A 251 3.03 -4.10 24.41
CA ILE A 251 3.80 -3.31 23.45
C ILE A 251 3.13 -3.52 22.10
N GLY A 252 3.04 -2.48 21.29
CA GLY A 252 2.39 -2.63 20.00
C GLY A 252 2.51 -1.37 19.18
N ARG A 253 2.09 -1.42 17.93
CA ARG A 253 2.17 -0.28 17.02
C ARG A 253 0.93 -0.18 16.12
N ILE A 254 0.43 1.02 15.91
CA ILE A 254 -0.74 1.21 15.04
C ILE A 254 -0.28 2.18 13.97
N VAL A 255 -0.84 2.07 12.77
CA VAL A 255 -0.46 2.97 11.68
C VAL A 255 -1.66 3.48 10.90
N THR A 256 -1.49 4.62 10.26
CA THR A 256 -2.57 5.19 9.48
C THR A 256 -2.37 4.84 8.03
N MET A 257 -3.38 4.27 7.39
CA MET A 257 -3.26 3.90 5.98
C MET A 257 -3.52 5.12 5.09
N LYS A 258 -2.93 5.12 3.89
CA LYS A 258 -3.10 6.25 2.97
C LYS A 258 -4.57 6.50 2.65
N ARG A 259 -5.35 5.43 2.60
CA ARG A 259 -6.77 5.57 2.31
C ARG A 259 -7.57 4.45 2.95
N ASN A 260 -8.74 4.78 3.47
CA ASN A 260 -9.59 3.82 4.13
C ASN A 260 -9.85 2.66 3.18
N SER A 261 -9.75 1.45 3.70
CA SER A 261 -9.95 0.28 2.89
C SER A 261 -10.70 -0.76 3.68
N ARG A 262 -11.20 -1.74 2.95
CA ARG A 262 -11.95 -2.84 3.51
C ARG A 262 -11.33 -4.06 2.83
N ASN A 263 -10.36 -3.79 1.95
CA ASN A 263 -9.65 -4.81 1.20
C ASN A 263 -8.54 -5.44 2.03
N LEU A 264 -8.69 -6.73 2.31
CA LEU A 264 -7.69 -7.44 3.11
C LEU A 264 -6.29 -7.35 2.53
N GLU A 265 -6.19 -7.45 1.22
CA GLU A 265 -4.90 -7.40 0.59
C GLU A 265 -4.31 -6.01 0.58
N GLU A 266 -5.15 -5.02 0.86
CA GLU A 266 -4.66 -3.65 0.88
C GLU A 266 -4.21 -3.25 2.26
N ILE A 267 -4.68 -3.99 3.24
CA ILE A 267 -4.36 -3.69 4.63
C ILE A 267 -3.17 -4.49 5.13
N LYS A 268 -3.08 -5.75 4.71
CA LYS A 268 -2.01 -6.63 5.16
C LYS A 268 -0.67 -5.94 5.28
N PRO A 269 -0.24 -5.26 4.23
CA PRO A 269 1.04 -4.56 4.29
C PRO A 269 1.17 -3.58 5.44
N TYR A 270 0.10 -2.91 5.80
CA TYR A 270 0.18 -1.99 6.92
C TYR A 270 0.26 -2.80 8.19
N LEU A 271 -0.53 -3.85 8.24
CA LEU A 271 -0.56 -4.70 9.42
C LEU A 271 0.81 -5.34 9.66
N PHE A 272 1.46 -5.81 8.60
CA PHE A 272 2.75 -6.45 8.80
C PHE A 272 3.86 -5.48 9.24
N ARG A 273 3.84 -4.27 8.69
CA ARG A 273 4.82 -3.27 9.07
C ARG A 273 4.65 -3.01 10.57
N ALA A 274 3.38 -2.95 11.00
CA ALA A 274 3.09 -2.72 12.40
C ALA A 274 3.64 -3.88 13.23
N ILE A 275 3.56 -5.09 12.68
CA ILE A 275 4.05 -6.25 13.40
C ILE A 275 5.57 -6.24 13.52
N GLU A 276 6.25 -5.96 12.41
CA GLU A 276 7.70 -5.92 12.41
C GLU A 276 8.22 -4.93 13.44
N GLU A 277 7.60 -3.76 13.50
CA GLU A 277 8.02 -2.77 14.47
C GLU A 277 7.78 -3.23 15.91
N SER A 278 6.62 -3.84 16.17
CA SER A 278 6.29 -4.34 17.50
C SER A 278 7.29 -5.38 17.99
N TYR A 279 7.56 -6.37 17.15
CA TYR A 279 8.51 -7.39 17.55
C TYR A 279 9.88 -6.80 17.83
N TYR A 280 10.24 -5.79 17.06
CA TYR A 280 11.51 -5.16 17.26
C TYR A 280 11.52 -4.56 18.65
N LYS A 281 10.44 -3.84 18.98
CA LYS A 281 10.31 -3.21 20.28
C LYS A 281 10.10 -4.23 21.39
N LEU A 282 9.68 -5.42 21.01
CA LEU A 282 9.45 -6.49 21.98
C LEU A 282 10.70 -6.90 22.75
N ASP A 283 11.88 -6.46 22.34
CA ASP A 283 13.09 -6.81 23.08
C ASP A 283 13.30 -8.31 22.97
N LYS A 284 13.21 -9.01 24.09
CA LYS A 284 13.38 -10.44 24.11
C LYS A 284 12.17 -11.03 24.80
N ARG A 285 11.13 -10.21 24.89
CA ARG A 285 9.89 -10.58 25.53
C ARG A 285 9.07 -11.48 24.63
N ILE A 286 8.53 -12.57 25.17
CA ILE A 286 7.73 -13.48 24.39
C ILE A 286 6.27 -13.34 24.81
N PRO A 287 5.40 -12.82 23.94
CA PRO A 287 3.98 -12.67 24.27
C PRO A 287 3.18 -13.91 23.94
N LYS A 288 2.16 -14.17 24.76
CA LYS A 288 1.29 -15.31 24.52
C LYS A 288 0.03 -14.80 23.87
N ALA A 289 -0.25 -13.51 24.00
CA ALA A 289 -1.46 -12.99 23.39
C ALA A 289 -1.16 -11.89 22.38
N ILE A 290 -1.99 -11.86 21.33
CA ILE A 290 -1.85 -10.88 20.28
C ILE A 290 -3.23 -10.32 19.93
N HIS A 291 -3.34 -9.00 19.87
CA HIS A 291 -4.62 -8.38 19.53
C HIS A 291 -4.45 -7.48 18.34
N VAL A 292 -5.29 -7.67 17.32
CA VAL A 292 -5.23 -6.82 16.17
C VAL A 292 -6.22 -5.71 16.44
N VAL A 293 -5.76 -4.46 16.39
CA VAL A 293 -6.62 -3.30 16.65
C VAL A 293 -6.84 -2.49 15.39
N ALA A 294 -8.08 -2.09 15.14
CA ALA A 294 -8.38 -1.31 13.96
C ALA A 294 -9.19 -0.09 14.30
N VAL A 295 -8.88 1.03 13.65
CA VAL A 295 -9.63 2.25 13.87
C VAL A 295 -10.47 2.45 12.62
N THR A 296 -11.79 2.44 12.78
CA THR A 296 -12.71 2.60 11.65
C THR A 296 -12.75 4.00 11.03
N GLU A 297 -13.52 4.12 9.95
CA GLU A 297 -13.68 5.40 9.24
C GLU A 297 -14.31 6.46 10.12
N ASP A 298 -15.23 6.06 10.99
CA ASP A 298 -15.90 6.99 11.90
C ASP A 298 -15.11 7.13 13.20
N LEU A 299 -13.82 6.80 13.12
CA LEU A 299 -12.91 6.88 14.26
C LEU A 299 -13.28 5.96 15.41
N ASP A 300 -14.02 4.91 15.09
CA ASP A 300 -14.43 3.92 16.09
C ASP A 300 -13.26 2.94 16.25
N ILE A 301 -13.18 2.27 17.38
CA ILE A 301 -12.08 1.35 17.59
C ILE A 301 -12.54 -0.07 17.88
N VAL A 302 -12.24 -0.99 16.97
CA VAL A 302 -12.63 -2.38 17.15
C VAL A 302 -11.36 -3.22 17.25
N SER A 303 -11.46 -4.40 17.85
CA SER A 303 -10.29 -5.24 18.02
C SER A 303 -10.60 -6.70 18.36
N ARG A 304 -9.85 -7.59 17.73
CA ARG A 304 -9.99 -9.02 17.93
C ARG A 304 -8.63 -9.56 18.32
N GLY A 305 -8.57 -10.32 19.39
CA GLY A 305 -7.30 -10.87 19.81
C GLY A 305 -7.35 -12.35 20.13
N ARG A 306 -6.23 -12.88 20.60
CA ARG A 306 -6.17 -14.28 20.94
C ARG A 306 -4.98 -14.55 21.83
N THR A 307 -5.13 -15.53 22.72
CA THR A 307 -4.08 -15.91 23.64
C THR A 307 -3.68 -17.36 23.38
N PHE A 308 -2.38 -17.64 23.37
CA PHE A 308 -1.88 -18.99 23.13
C PHE A 308 -1.31 -19.56 24.40
N PRO A 309 -1.18 -20.90 24.49
CA PRO A 309 -0.64 -21.57 25.66
C PRO A 309 0.88 -21.56 25.58
N HIS A 310 1.39 -20.90 24.54
CA HIS A 310 2.84 -20.80 24.36
C HIS A 310 3.15 -19.41 23.80
N GLY A 311 4.44 -19.10 23.72
CA GLY A 311 4.84 -17.81 23.21
C GLY A 311 4.47 -17.70 21.74
N ILE A 312 4.57 -16.49 21.19
CA ILE A 312 4.23 -16.32 19.79
C ILE A 312 5.43 -15.99 18.95
N SER A 313 5.63 -16.76 17.88
CA SER A 313 6.74 -16.56 16.97
C SER A 313 6.29 -15.52 15.94
N LYS A 314 7.26 -14.79 15.37
CA LYS A 314 6.92 -13.78 14.39
C LYS A 314 6.07 -14.39 13.28
N GLU A 315 6.39 -15.61 12.88
CA GLU A 315 5.61 -16.20 11.83
C GLU A 315 4.18 -16.43 12.30
N THR A 316 4.01 -16.77 13.56
CA THR A 316 2.66 -16.99 14.04
C THR A 316 1.89 -15.69 14.19
N ALA A 317 2.62 -14.62 14.47
CA ALA A 317 2.05 -13.30 14.58
C ALA A 317 1.48 -12.97 13.22
N TYR A 318 2.29 -13.18 12.19
CA TYR A 318 1.86 -12.92 10.82
C TYR A 318 0.62 -13.70 10.46
N SER A 319 0.57 -14.94 10.89
CA SER A 319 -0.56 -15.79 10.55
C SER A 319 -1.84 -15.46 11.32
N GLU A 320 -1.71 -15.37 12.63
CA GLU A 320 -2.84 -15.08 13.51
C GLU A 320 -3.38 -13.67 13.32
N SER A 321 -2.50 -12.73 13.02
CA SER A 321 -2.94 -11.35 12.83
C SER A 321 -3.86 -11.25 11.62
N VAL A 322 -3.59 -12.07 10.60
CA VAL A 322 -4.38 -12.03 9.40
C VAL A 322 -5.74 -12.64 9.66
N LYS A 323 -5.77 -13.72 10.45
CA LYS A 323 -7.07 -14.33 10.76
C LYS A 323 -7.92 -13.34 11.55
N LEU A 324 -7.34 -12.73 12.59
CA LEU A 324 -8.05 -11.76 13.41
C LEU A 324 -8.56 -10.60 12.57
N LEU A 325 -7.73 -10.13 11.64
CA LEU A 325 -8.13 -9.03 10.77
C LEU A 325 -9.36 -9.47 9.95
N GLN A 326 -9.35 -10.73 9.51
CA GLN A 326 -10.48 -11.25 8.74
C GLN A 326 -11.73 -11.28 9.62
N LYS A 327 -11.56 -11.81 10.83
CA LYS A 327 -12.67 -11.89 11.76
C LYS A 327 -13.22 -10.48 11.89
N ILE A 328 -12.33 -9.48 11.94
CA ILE A 328 -12.80 -8.11 12.06
C ILE A 328 -13.62 -7.69 10.86
N LEU A 329 -13.08 -7.91 9.67
CA LEU A 329 -13.81 -7.55 8.47
C LEU A 329 -15.11 -8.33 8.33
N GLU A 330 -15.16 -9.56 8.84
CA GLU A 330 -16.39 -10.38 8.75
C GLU A 330 -17.46 -9.73 9.64
N GLU A 331 -17.15 -9.68 10.94
CA GLU A 331 -18.03 -9.13 11.96
C GLU A 331 -18.30 -7.62 11.92
N ASP A 332 -17.71 -6.91 10.97
CA ASP A 332 -17.93 -5.47 10.87
C ASP A 332 -18.03 -5.09 9.40
N GLU A 333 -18.66 -3.96 9.09
CA GLU A 333 -18.82 -3.54 7.71
C GLU A 333 -18.02 -2.27 7.39
N ARG A 334 -17.96 -1.34 8.34
CA ARG A 334 -17.24 -0.09 8.15
C ARG A 334 -15.84 -0.25 7.53
N LYS A 335 -15.36 0.81 6.88
CA LYS A 335 -14.04 0.84 6.28
C LYS A 335 -13.01 1.10 7.39
N ILE A 336 -11.82 0.53 7.24
CA ILE A 336 -10.77 0.74 8.24
C ILE A 336 -9.89 1.91 7.85
N ARG A 337 -9.49 2.71 8.84
CA ARG A 337 -8.64 3.88 8.61
C ARG A 337 -7.24 3.63 9.16
N ARG A 338 -7.18 3.05 10.35
CA ARG A 338 -5.92 2.72 11.01
C ARG A 338 -5.95 1.28 11.49
N ILE A 339 -4.82 0.59 11.33
CA ILE A 339 -4.76 -0.78 11.75
C ILE A 339 -3.45 -0.96 12.49
N GLY A 340 -3.41 -1.93 13.41
CA GLY A 340 -2.20 -2.16 14.18
C GLY A 340 -2.30 -3.44 15.01
N VAL A 341 -1.24 -3.72 15.77
CA VAL A 341 -1.20 -4.88 16.63
C VAL A 341 -0.69 -4.51 17.99
N ARG A 342 -0.91 -5.42 18.94
CA ARG A 342 -0.48 -5.23 20.29
C ARG A 342 -0.27 -6.60 20.92
N PHE A 343 0.87 -6.78 21.59
CA PHE A 343 1.22 -8.03 22.21
C PHE A 343 1.26 -7.89 23.72
N SER A 344 0.78 -8.92 24.43
CA SER A 344 0.74 -8.88 25.88
C SER A 344 0.99 -10.25 26.50
N LYS A 345 0.81 -10.33 27.83
CA LYS A 345 1.03 -11.58 28.57
C LYS A 345 2.39 -12.18 28.26
N PHE A 346 3.43 -11.39 28.45
CA PHE A 346 4.80 -11.84 28.19
C PHE A 346 5.24 -12.96 29.12
N ILE A 347 5.88 -13.98 28.57
CA ILE A 347 6.38 -15.09 29.37
C ILE A 347 7.39 -14.49 30.33
N GLU A 348 7.33 -14.90 31.60
CA GLU A 348 8.27 -14.37 32.57
C GLU A 348 9.41 -15.35 32.83
N ALA A 349 9.13 -16.44 33.39
N HIS B 6 15.75 -6.84 -3.93
CA HIS B 6 15.13 -6.37 -5.21
C HIS B 6 13.60 -6.47 -5.20
N MET B 7 13.00 -6.28 -6.37
CA MET B 7 11.54 -6.34 -6.51
C MET B 7 11.09 -7.67 -7.08
N ILE B 8 9.88 -8.08 -6.73
CA ILE B 8 9.34 -9.34 -7.26
C ILE B 8 8.05 -9.09 -8.08
N VAL B 9 8.06 -9.54 -9.32
CA VAL B 9 6.95 -9.40 -10.25
C VAL B 9 6.11 -10.65 -10.36
N LEU B 10 4.82 -10.48 -10.55
CA LEU B 10 3.95 -11.63 -10.67
C LEU B 10 3.15 -11.42 -11.94
N PHE B 11 3.42 -12.23 -12.94
CA PHE B 11 2.76 -12.13 -14.22
C PHE B 11 1.59 -13.06 -14.35
N VAL B 12 0.48 -12.55 -14.84
CA VAL B 12 -0.70 -13.35 -15.02
C VAL B 12 -0.98 -13.44 -16.51
N ASP B 13 -1.35 -14.61 -16.98
CA ASP B 13 -1.59 -14.83 -18.41
C ASP B 13 -2.76 -15.81 -18.54
N PHE B 14 -3.92 -15.33 -18.98
CA PHE B 14 -5.09 -16.20 -19.10
C PHE B 14 -4.89 -17.26 -20.17
N ASP B 15 -5.15 -18.52 -19.84
CA ASP B 15 -4.96 -19.59 -20.82
C ASP B 15 -5.95 -19.52 -21.99
N TYR B 16 -5.42 -19.59 -23.20
CA TYR B 16 -6.18 -19.55 -24.45
C TYR B 16 -7.53 -18.85 -24.23
N PHE B 17 -7.43 -17.64 -23.72
CA PHE B 17 -8.56 -16.82 -23.35
C PHE B 17 -9.81 -16.86 -24.23
N TYR B 18 -9.71 -16.41 -25.48
CA TYR B 18 -10.90 -16.41 -26.33
C TYR B 18 -11.61 -17.75 -26.32
N ALA B 19 -10.85 -18.83 -26.50
CA ALA B 19 -11.40 -20.18 -26.52
C ALA B 19 -12.01 -20.57 -25.18
N GLN B 20 -11.31 -20.24 -24.11
CA GLN B 20 -11.79 -20.59 -22.79
C GLN B 20 -13.08 -19.86 -22.48
N VAL B 21 -13.11 -18.55 -22.73
CA VAL B 21 -14.30 -17.77 -22.45
C VAL B 21 -15.50 -18.42 -23.12
N GLU B 22 -15.22 -19.12 -24.22
CA GLU B 22 -16.27 -19.80 -24.98
C GLU B 22 -16.63 -21.12 -24.29
N GLU B 23 -15.62 -21.88 -23.86
CA GLU B 23 -15.85 -23.14 -23.19
C GLU B 23 -16.64 -22.89 -21.93
N VAL B 24 -16.75 -21.64 -21.53
CA VAL B 24 -17.47 -21.30 -20.31
C VAL B 24 -18.92 -20.97 -20.61
N LEU B 25 -19.16 -20.06 -21.53
CA LEU B 25 -20.53 -19.68 -21.87
C LEU B 25 -21.30 -20.91 -22.35
N ASN B 26 -20.54 -21.92 -22.79
CA ASN B 26 -21.08 -23.19 -23.29
C ASN B 26 -20.18 -24.31 -22.79
N PRO B 27 -20.40 -24.77 -21.55
CA PRO B 27 -19.63 -25.84 -20.92
C PRO B 27 -19.44 -27.07 -21.80
N SER B 28 -20.32 -27.22 -22.78
CA SER B 28 -20.26 -28.35 -23.68
C SER B 28 -18.87 -28.52 -24.29
N LEU B 29 -18.44 -27.50 -25.02
CA LEU B 29 -17.17 -27.48 -25.72
C LEU B 29 -16.05 -28.19 -24.95
N LYS B 30 -16.21 -28.28 -23.63
CA LYS B 30 -15.21 -28.91 -22.77
C LYS B 30 -14.67 -30.24 -23.31
N GLY B 31 -13.36 -30.29 -23.50
CA GLY B 31 -12.72 -31.51 -23.97
C GLY B 31 -12.40 -31.49 -25.45
N LYS B 32 -13.40 -31.21 -26.27
CA LYS B 32 -13.25 -31.17 -27.73
C LYS B 32 -12.45 -29.95 -28.17
N PRO B 33 -11.73 -30.06 -29.30
CA PRO B 33 -10.92 -28.98 -29.85
C PRO B 33 -11.79 -27.80 -30.28
N VAL B 34 -11.40 -26.60 -29.85
CA VAL B 34 -12.13 -25.39 -30.21
C VAL B 34 -11.22 -24.34 -30.84
N VAL B 35 -11.66 -23.82 -31.98
CA VAL B 35 -10.90 -22.80 -32.70
C VAL B 35 -11.71 -21.54 -32.97
N VAL B 36 -11.26 -20.43 -32.39
CA VAL B 36 -11.92 -19.14 -32.56
C VAL B 36 -11.25 -18.51 -33.76
N CYS B 37 -12.04 -18.07 -34.73
CA CYS B 37 -11.42 -17.46 -35.89
C CYS B 37 -12.09 -16.18 -36.39
N VAL B 38 -11.40 -15.51 -37.30
CA VAL B 38 -11.87 -14.29 -37.92
C VAL B 38 -12.30 -14.61 -39.36
N PHE B 39 -13.60 -14.71 -39.62
CA PHE B 39 -14.09 -15.00 -40.96
C PHE B 39 -14.02 -13.78 -41.90
N SER B 40 -13.04 -13.78 -42.79
CA SER B 40 -12.83 -12.69 -43.73
C SER B 40 -14.06 -12.39 -44.56
N GLY B 41 -14.81 -13.42 -44.91
CA GLY B 41 -15.99 -13.18 -45.71
C GLY B 41 -15.74 -13.26 -47.21
N ARG B 42 -14.50 -13.49 -47.62
CA ARG B 42 -14.18 -13.60 -49.04
C ARG B 42 -14.77 -14.88 -49.62
N PHE B 43 -15.12 -15.82 -48.74
CA PHE B 43 -15.73 -17.09 -49.16
C PHE B 43 -15.93 -18.05 -47.99
N GLU B 44 -17.15 -18.58 -47.89
CA GLU B 44 -17.53 -19.52 -46.83
C GLU B 44 -16.66 -19.48 -45.57
N ASP B 45 -15.66 -20.35 -45.50
CA ASP B 45 -14.77 -20.43 -44.33
C ASP B 45 -13.40 -19.81 -44.60
N SER B 46 -13.39 -18.53 -44.97
CA SER B 46 -12.14 -17.83 -45.25
C SER B 46 -11.76 -16.98 -44.04
N GLY B 47 -10.47 -16.75 -43.85
CA GLY B 47 -10.04 -15.98 -42.71
C GLY B 47 -8.86 -16.62 -41.99
N ALA B 48 -8.59 -16.16 -40.79
CA ALA B 48 -7.47 -16.68 -40.03
C ALA B 48 -7.98 -17.17 -38.69
N VAL B 49 -7.09 -17.82 -37.93
CA VAL B 49 -7.47 -18.34 -36.62
C VAL B 49 -6.95 -17.45 -35.50
N ALA B 50 -7.87 -16.99 -34.67
CA ALA B 50 -7.53 -16.13 -33.55
C ALA B 50 -6.89 -16.96 -32.46
N THR B 51 -7.69 -17.79 -31.78
CA THR B 51 -7.20 -18.64 -30.69
C THR B 51 -7.81 -20.04 -30.75
N ALA B 52 -7.10 -21.01 -30.19
CA ALA B 52 -7.55 -22.38 -30.13
C ALA B 52 -7.09 -23.02 -28.81
N ASN B 53 -8.01 -23.72 -28.16
CA ASN B 53 -7.67 -24.37 -26.90
C ASN B 53 -6.62 -25.45 -27.16
N TYR B 54 -6.11 -26.08 -26.11
CA TYR B 54 -5.08 -27.10 -26.29
C TYR B 54 -5.60 -28.40 -26.88
N GLU B 55 -6.85 -28.72 -26.57
CA GLU B 55 -7.45 -29.94 -27.12
C GLU B 55 -7.64 -29.78 -28.62
N ALA B 56 -6.91 -28.83 -29.19
CA ALA B 56 -6.93 -28.54 -30.62
C ALA B 56 -5.58 -27.97 -31.08
N ARG B 57 -4.80 -27.49 -30.13
CA ARG B 57 -3.49 -26.92 -30.47
C ARG B 57 -2.41 -27.97 -30.51
N LYS B 58 -2.66 -29.10 -29.88
CA LYS B 58 -1.70 -30.20 -29.85
C LYS B 58 -1.56 -30.85 -31.22
N PHE B 59 -2.62 -30.77 -32.02
CA PHE B 59 -2.61 -31.35 -33.37
C PHE B 59 -2.01 -30.42 -34.42
N GLY B 60 -1.47 -29.29 -33.99
CA GLY B 60 -0.87 -28.35 -34.91
C GLY B 60 -1.69 -27.12 -35.28
N VAL B 61 -2.89 -26.99 -34.69
CA VAL B 61 -3.74 -25.84 -34.99
C VAL B 61 -3.50 -24.65 -34.08
N LYS B 62 -2.69 -23.70 -34.55
CA LYS B 62 -2.38 -22.51 -33.77
C LYS B 62 -2.76 -21.22 -34.49
N ALA B 63 -3.06 -20.19 -33.70
CA ALA B 63 -3.44 -18.88 -34.24
C ALA B 63 -2.56 -18.42 -35.39
N GLY B 64 -3.17 -17.79 -36.39
CA GLY B 64 -2.42 -17.31 -37.54
C GLY B 64 -2.70 -18.06 -38.83
N ILE B 65 -2.86 -19.38 -38.75
CA ILE B 65 -3.09 -20.19 -39.94
C ILE B 65 -4.50 -19.95 -40.47
N PRO B 66 -4.68 -20.14 -41.79
CA PRO B 66 -5.98 -19.95 -42.42
C PRO B 66 -7.01 -20.88 -41.83
N ILE B 67 -8.25 -20.40 -41.71
CA ILE B 67 -9.32 -21.22 -41.17
C ILE B 67 -9.38 -22.50 -41.99
N VAL B 68 -8.89 -22.41 -43.22
CA VAL B 68 -8.89 -23.56 -44.10
C VAL B 68 -7.88 -24.62 -43.63
N GLU B 69 -6.60 -24.23 -43.56
CA GLU B 69 -5.55 -25.15 -43.13
C GLU B 69 -5.97 -25.89 -41.88
N ALA B 70 -6.50 -25.15 -40.91
CA ALA B 70 -6.93 -25.75 -39.66
C ALA B 70 -7.90 -26.90 -39.89
N LYS B 71 -8.87 -26.69 -40.78
CA LYS B 71 -9.86 -27.70 -41.08
C LYS B 71 -9.33 -28.99 -41.71
N LYS B 72 -8.29 -28.88 -42.52
CA LYS B 72 -7.68 -30.05 -43.16
C LYS B 72 -6.88 -30.82 -42.10
N ILE B 73 -7.23 -30.59 -40.84
CA ILE B 73 -6.55 -31.23 -39.72
C ILE B 73 -7.55 -31.60 -38.64
N LEU B 74 -8.58 -30.79 -38.48
CA LEU B 74 -9.57 -31.08 -37.46
C LEU B 74 -10.94 -30.66 -37.92
N PRO B 75 -11.44 -31.28 -39.00
CA PRO B 75 -12.76 -30.97 -39.56
C PRO B 75 -13.89 -31.08 -38.53
N ASN B 76 -13.69 -31.91 -37.52
CA ASN B 76 -14.70 -32.10 -36.50
C ASN B 76 -14.63 -31.05 -35.41
N ALA B 77 -13.43 -30.46 -35.25
CA ALA B 77 -13.21 -29.44 -34.22
C ALA B 77 -14.28 -28.36 -34.34
N VAL B 78 -14.65 -27.77 -33.21
CA VAL B 78 -15.66 -26.70 -33.22
C VAL B 78 -15.05 -25.36 -33.67
N TYR B 79 -15.57 -24.79 -34.75
CA TYR B 79 -15.07 -23.51 -35.24
C TYR B 79 -16.08 -22.42 -34.93
N LEU B 80 -15.67 -21.49 -34.07
CA LEU B 80 -16.55 -20.40 -33.66
C LEU B 80 -16.05 -19.05 -34.13
N PRO B 81 -16.98 -18.09 -34.27
CA PRO B 81 -16.68 -16.72 -34.70
C PRO B 81 -16.28 -15.89 -33.48
N MET B 82 -15.21 -15.13 -33.60
CA MET B 82 -14.71 -14.32 -32.50
C MET B 82 -15.70 -13.26 -32.01
N ARG B 83 -16.00 -13.27 -30.72
CA ARG B 83 -16.92 -12.33 -30.08
C ARG B 83 -16.17 -11.40 -29.11
N LYS B 84 -15.37 -10.51 -29.68
CA LYS B 84 -14.53 -9.57 -28.94
C LYS B 84 -15.27 -8.97 -27.74
N GLU B 85 -16.29 -8.18 -28.03
CA GLU B 85 -17.09 -7.53 -27.02
C GLU B 85 -17.28 -8.41 -25.78
N VAL B 86 -17.42 -9.71 -25.98
CA VAL B 86 -17.62 -10.65 -24.88
C VAL B 86 -16.32 -10.93 -24.13
N TYR B 87 -15.28 -11.29 -24.87
CA TYR B 87 -14.00 -11.58 -24.24
C TYR B 87 -13.54 -10.36 -23.46
N GLN B 88 -13.82 -9.18 -24.01
N GLN B 88 -13.80 -9.17 -24.00
CA GLN B 88 -13.45 -7.92 -23.36
CA GLN B 88 -13.40 -7.94 -23.32
C GLN B 88 -14.09 -7.78 -21.99
C GLN B 88 -14.10 -7.80 -21.97
N GLN B 89 -15.42 -7.84 -21.96
CA GLN B 89 -16.17 -7.71 -20.73
C GLN B 89 -15.74 -8.73 -19.70
N VAL B 90 -15.56 -9.97 -20.13
CA VAL B 90 -15.12 -10.98 -19.19
C VAL B 90 -13.73 -10.59 -18.69
N SER B 91 -12.87 -10.15 -19.60
CA SER B 91 -11.51 -9.73 -19.26
C SER B 91 -11.50 -8.65 -18.17
N SER B 92 -12.31 -7.62 -18.40
CA SER B 92 -12.43 -6.52 -17.46
C SER B 92 -12.72 -7.05 -16.09
N ARG B 93 -13.74 -7.89 -15.98
CA ARG B 93 -14.09 -8.48 -14.70
C ARG B 93 -12.86 -9.07 -14.01
N ILE B 94 -12.08 -9.87 -14.74
CA ILE B 94 -10.89 -10.50 -14.16
C ILE B 94 -9.83 -9.45 -13.84
N MET B 95 -9.69 -8.50 -14.73
CA MET B 95 -8.70 -7.47 -14.55
C MET B 95 -9.02 -6.65 -13.30
N ASN B 96 -10.31 -6.57 -12.96
CA ASN B 96 -10.69 -5.84 -11.77
C ASN B 96 -10.41 -6.63 -10.49
N LEU B 97 -10.34 -7.94 -10.59
CA LEU B 97 -10.03 -8.73 -9.40
C LEU B 97 -8.55 -8.59 -9.09
N LEU B 98 -7.73 -8.69 -10.14
CA LEU B 98 -6.30 -8.59 -9.99
C LEU B 98 -5.95 -7.26 -9.36
N ARG B 99 -6.64 -6.20 -9.76
CA ARG B 99 -6.38 -4.88 -9.20
C ARG B 99 -6.44 -4.90 -7.69
N GLU B 100 -7.18 -5.83 -7.12
CA GLU B 100 -7.31 -5.88 -5.69
C GLU B 100 -6.14 -6.51 -5.00
N TYR B 101 -5.19 -7.03 -5.76
CA TYR B 101 -4.05 -7.65 -5.14
C TYR B 101 -2.85 -6.76 -5.15
N SER B 102 -2.85 -5.77 -6.03
CA SER B 102 -1.73 -4.85 -6.09
C SER B 102 -2.08 -3.54 -6.78
N GLU B 103 -1.80 -2.44 -6.11
CA GLU B 103 -2.07 -1.11 -6.67
C GLU B 103 -1.17 -0.90 -7.90
N LYS B 104 0.06 -1.41 -7.82
CA LYS B 104 1.02 -1.30 -8.91
C LYS B 104 0.77 -2.43 -9.90
N ILE B 105 -0.11 -2.18 -10.87
CA ILE B 105 -0.44 -3.20 -11.84
C ILE B 105 -0.20 -2.64 -13.23
N GLU B 106 -0.02 -3.53 -14.20
CA GLU B 106 0.18 -3.13 -15.57
C GLU B 106 -0.63 -4.01 -16.50
N ILE B 107 -1.76 -3.51 -17.00
CA ILE B 107 -2.56 -4.34 -17.91
C ILE B 107 -1.89 -4.32 -19.27
N ALA B 108 -1.12 -5.37 -19.56
CA ALA B 108 -0.37 -5.45 -20.82
C ALA B 108 -1.23 -5.74 -22.04
N SER B 109 -2.37 -6.40 -21.83
CA SER B 109 -3.26 -6.73 -22.93
C SER B 109 -4.61 -7.21 -22.40
N ILE B 110 -5.39 -7.84 -23.26
CA ILE B 110 -6.69 -8.33 -22.85
C ILE B 110 -6.56 -9.51 -21.91
N ASP B 111 -5.47 -10.26 -22.03
CA ASP B 111 -5.29 -11.44 -21.17
C ASP B 111 -3.94 -11.47 -20.47
N GLU B 112 -3.34 -10.31 -20.26
CA GLU B 112 -2.04 -10.29 -19.60
C GLU B 112 -1.90 -9.08 -18.69
N ALA B 113 -1.42 -9.32 -17.48
CA ALA B 113 -1.24 -8.24 -16.54
C ALA B 113 0.01 -8.49 -15.72
N TYR B 114 0.70 -7.42 -15.38
CA TYR B 114 1.90 -7.51 -14.58
C TYR B 114 1.65 -6.88 -13.20
N LEU B 115 1.86 -7.66 -12.14
CA LEU B 115 1.65 -7.16 -10.79
C LEU B 115 2.95 -7.07 -10.02
N ASP B 116 3.21 -5.89 -9.47
CA ASP B 116 4.40 -5.66 -8.68
C ASP B 116 3.95 -5.90 -7.25
N ILE B 117 4.16 -7.12 -6.75
CA ILE B 117 3.74 -7.46 -5.40
C ILE B 117 4.89 -7.41 -4.41
N SER B 118 5.90 -6.62 -4.74
CA SER B 118 7.09 -6.46 -3.91
C SER B 118 6.78 -5.97 -2.49
N ASP B 119 5.93 -4.96 -2.38
CA ASP B 119 5.61 -4.42 -1.07
C ASP B 119 4.52 -5.19 -0.33
N LYS B 120 4.28 -6.44 -0.70
CA LYS B 120 3.26 -7.20 -0.01
C LYS B 120 3.64 -8.65 0.24
N VAL B 121 4.92 -8.92 0.05
CA VAL B 121 5.46 -10.26 0.23
C VAL B 121 6.96 -10.21 0.56
N ARG B 122 7.46 -11.28 1.17
CA ARG B 122 8.88 -11.41 1.51
C ARG B 122 9.17 -12.77 0.89
N ASP B 123 10.35 -12.97 0.32
CA ASP B 123 10.70 -14.26 -0.30
C ASP B 123 9.67 -14.76 -1.34
N TYR B 124 10.10 -15.70 -2.17
CA TYR B 124 9.23 -16.23 -3.20
C TYR B 124 8.16 -17.22 -2.73
N ARG B 125 8.34 -17.82 -1.55
CA ARG B 125 7.38 -18.78 -1.03
C ARG B 125 6.02 -18.11 -0.87
N GLU B 126 6.05 -16.88 -0.37
CA GLU B 126 4.83 -16.11 -0.18
C GLU B 126 4.26 -15.72 -1.53
N ALA B 127 5.15 -15.38 -2.47
CA ALA B 127 4.73 -15.00 -3.82
C ALA B 127 3.95 -16.14 -4.43
N TYR B 128 4.56 -17.33 -4.40
CA TYR B 128 3.95 -18.54 -4.94
C TYR B 128 2.58 -18.76 -4.31
N ASN B 129 2.49 -18.40 -3.03
CA ASN B 129 1.24 -18.58 -2.30
C ASN B 129 0.21 -17.54 -2.76
N LEU B 130 0.65 -16.31 -2.97
CA LEU B 130 -0.23 -15.25 -3.40
C LEU B 130 -0.70 -15.57 -4.81
N GLY B 131 0.21 -16.09 -5.62
CA GLY B 131 -0.13 -16.45 -6.97
C GLY B 131 -1.18 -17.55 -6.93
N LEU B 132 -0.93 -18.57 -6.12
CA LEU B 132 -1.88 -19.66 -5.98
C LEU B 132 -3.25 -19.17 -5.53
N GLU B 133 -3.27 -18.21 -4.61
CA GLU B 133 -4.53 -17.66 -4.13
C GLU B 133 -5.22 -16.90 -5.27
N ILE B 134 -4.43 -16.17 -6.04
CA ILE B 134 -4.95 -15.42 -7.18
C ILE B 134 -5.60 -16.37 -8.18
N LYS B 135 -4.92 -17.50 -8.45
CA LYS B 135 -5.44 -18.49 -9.37
C LYS B 135 -6.82 -18.95 -8.96
N ASN B 136 -6.97 -19.36 -7.70
CA ASN B 136 -8.26 -19.84 -7.22
C ASN B 136 -9.33 -18.77 -7.27
N LYS B 137 -8.97 -17.55 -6.94
CA LYS B 137 -9.93 -16.46 -6.94
C LYS B 137 -10.58 -16.29 -8.31
N ILE B 138 -9.78 -16.30 -9.37
CA ILE B 138 -10.34 -16.14 -10.71
C ILE B 138 -11.19 -17.35 -11.09
N LEU B 139 -10.69 -18.53 -10.74
CA LEU B 139 -11.38 -19.78 -11.01
C LEU B 139 -12.71 -19.79 -10.27
N GLU B 140 -12.65 -19.41 -9.00
CA GLU B 140 -13.83 -19.35 -8.15
C GLU B 140 -14.83 -18.30 -8.62
N LYS B 141 -14.34 -17.15 -9.05
CA LYS B 141 -15.23 -16.07 -9.49
C LYS B 141 -15.59 -16.08 -10.97
N GLU B 142 -14.70 -16.58 -11.83
CA GLU B 142 -15.00 -16.58 -13.26
C GLU B 142 -14.82 -17.91 -13.99
N LYS B 143 -14.24 -18.88 -13.31
CA LYS B 143 -13.98 -20.19 -13.91
C LYS B 143 -13.01 -20.07 -15.08
N ILE B 144 -11.92 -19.34 -14.87
CA ILE B 144 -10.90 -19.16 -15.88
C ILE B 144 -9.53 -19.58 -15.36
N THR B 145 -8.90 -20.52 -16.05
CA THR B 145 -7.58 -20.97 -15.62
C THR B 145 -6.56 -19.94 -16.08
N VAL B 146 -5.52 -19.73 -15.28
CA VAL B 146 -4.50 -18.76 -15.63
C VAL B 146 -3.13 -19.28 -15.27
N THR B 147 -2.11 -18.75 -15.93
CA THR B 147 -0.74 -19.17 -15.67
C THR B 147 0.01 -18.01 -15.03
N VAL B 148 0.61 -18.26 -13.87
CA VAL B 148 1.34 -17.23 -13.17
C VAL B 148 2.85 -17.38 -13.33
N GLY B 149 3.53 -16.26 -13.51
CA GLY B 149 4.98 -16.26 -13.62
C GLY B 149 5.58 -15.30 -12.61
N ILE B 150 6.49 -15.79 -11.77
CA ILE B 150 7.10 -14.94 -10.75
C ILE B 150 8.62 -14.87 -10.83
N SER B 151 9.17 -13.67 -10.67
CA SER B 151 10.60 -13.48 -10.74
C SER B 151 10.99 -12.04 -10.41
N LYS B 152 12.28 -11.71 -10.48
CA LYS B 152 12.75 -10.36 -10.16
C LYS B 152 12.38 -9.20 -11.10
N ASN B 153 11.92 -9.52 -12.31
CA ASN B 153 11.50 -8.49 -13.25
C ASN B 153 10.44 -9.01 -14.21
N LYS B 154 9.88 -8.12 -15.02
CA LYS B 154 8.84 -8.49 -15.96
C LYS B 154 9.26 -9.57 -16.97
N VAL B 155 10.41 -9.38 -17.60
CA VAL B 155 10.86 -10.35 -18.58
C VAL B 155 10.86 -11.80 -18.07
N PHE B 156 11.62 -12.08 -17.02
CA PHE B 156 11.68 -13.43 -16.51
C PHE B 156 10.37 -13.92 -15.93
N ALA B 157 9.48 -12.98 -15.61
CA ALA B 157 8.19 -13.34 -15.05
C ALA B 157 7.37 -13.92 -16.20
N LYS B 158 7.46 -13.27 -17.36
CA LYS B 158 6.74 -13.72 -18.54
C LYS B 158 7.29 -15.08 -18.95
N ILE B 159 8.61 -15.15 -19.08
CA ILE B 159 9.28 -16.40 -19.46
C ILE B 159 8.83 -17.50 -18.50
N ALA B 160 8.82 -17.18 -17.22
CA ALA B 160 8.40 -18.15 -16.24
C ALA B 160 7.01 -18.64 -16.58
N ALA B 161 6.14 -17.72 -16.98
CA ALA B 161 4.77 -18.09 -17.31
C ALA B 161 4.68 -18.89 -18.60
N ASP B 162 5.49 -18.54 -19.58
CA ASP B 162 5.49 -19.25 -20.86
C ASP B 162 5.77 -20.73 -20.62
N MET B 163 6.60 -21.03 -19.62
CA MET B 163 6.93 -22.41 -19.31
C MET B 163 5.82 -23.10 -18.53
N ALA B 164 5.38 -22.47 -17.45
CA ALA B 164 4.33 -23.02 -16.62
C ALA B 164 3.01 -23.28 -17.32
N LYS B 165 2.69 -22.45 -18.31
CA LYS B 165 1.42 -22.62 -19.03
C LYS B 165 1.27 -24.00 -19.64
N PRO B 166 0.04 -24.49 -19.76
CA PRO B 166 -1.21 -23.83 -19.36
C PRO B 166 -1.61 -24.11 -17.92
N ASN B 167 -2.71 -23.48 -17.50
CA ASN B 167 -3.27 -23.63 -16.17
C ASN B 167 -2.23 -24.04 -15.12
N GLY B 168 -1.12 -23.32 -15.09
CA GLY B 168 -0.08 -23.61 -14.13
C GLY B 168 0.35 -22.44 -13.27
N ILE B 169 1.64 -22.41 -12.93
CA ILE B 169 2.25 -21.37 -12.11
C ILE B 169 3.66 -21.81 -11.74
N LYS B 170 4.62 -20.91 -11.94
CA LYS B 170 6.00 -21.23 -11.65
C LYS B 170 6.78 -19.99 -11.23
N VAL B 171 7.75 -20.19 -10.34
CA VAL B 171 8.60 -19.12 -9.84
C VAL B 171 10.01 -19.26 -10.45
N ILE B 172 10.74 -18.16 -10.48
CA ILE B 172 12.08 -18.19 -11.04
C ILE B 172 12.97 -17.33 -10.18
N ASP B 173 13.50 -17.92 -9.11
CA ASP B 173 14.37 -17.24 -8.18
C ASP B 173 15.67 -16.79 -8.84
N ASP B 174 16.37 -15.86 -8.19
CA ASP B 174 17.64 -15.34 -8.71
C ASP B 174 18.56 -16.49 -9.16
N GLU B 175 18.54 -17.59 -8.41
N GLU B 175 18.56 -17.58 -8.43
CA GLU B 175 19.36 -18.75 -8.72
CA GLU B 175 19.38 -18.74 -8.75
C GLU B 175 19.09 -19.25 -10.15
C GLU B 175 19.09 -19.23 -10.16
N GLU B 176 17.85 -19.68 -10.39
CA GLU B 176 17.44 -20.17 -11.71
C GLU B 176 17.58 -19.12 -12.79
N VAL B 177 17.54 -17.84 -12.41
CA VAL B 177 17.67 -16.74 -13.36
C VAL B 177 19.09 -16.72 -13.90
N LYS B 178 20.03 -17.03 -13.02
CA LYS B 178 21.44 -17.05 -13.41
C LYS B 178 21.67 -18.20 -14.39
N ARG B 179 20.92 -19.29 -14.22
CA ARG B 179 21.03 -20.46 -15.09
C ARG B 179 20.42 -20.20 -16.49
N LEU B 180 19.23 -19.61 -16.52
CA LEU B 180 18.53 -19.30 -17.77
C LEU B 180 19.39 -18.46 -18.69
N ILE B 181 20.09 -17.48 -18.12
CA ILE B 181 20.93 -16.60 -18.92
C ILE B 181 21.91 -17.43 -19.74
N ARG B 182 22.08 -18.70 -19.36
CA ARG B 182 22.99 -19.61 -20.04
C ARG B 182 22.25 -20.55 -20.97
N GLU B 183 21.49 -21.47 -20.38
CA GLU B 183 20.74 -22.49 -21.13
C GLU B 183 19.62 -22.03 -22.06
N LEU B 184 18.55 -21.46 -21.50
CA LEU B 184 17.42 -20.99 -22.29
C LEU B 184 17.82 -20.47 -23.66
N ASP B 185 17.16 -20.98 -24.70
CA ASP B 185 17.44 -20.55 -26.06
C ASP B 185 17.01 -19.07 -26.16
N ILE B 186 17.97 -18.18 -26.42
CA ILE B 186 17.65 -16.78 -26.51
C ILE B 186 16.44 -16.51 -27.37
N ALA B 187 16.24 -17.33 -28.39
CA ALA B 187 15.09 -17.14 -29.26
C ALA B 187 13.81 -17.16 -28.45
N ASP B 188 13.89 -17.56 -27.18
CA ASP B 188 12.69 -17.63 -26.34
C ASP B 188 12.57 -16.36 -25.47
N VAL B 189 13.61 -15.54 -25.48
CA VAL B 189 13.61 -14.30 -24.72
C VAL B 189 12.58 -13.37 -25.32
N PRO B 190 11.60 -12.94 -24.51
CA PRO B 190 10.53 -12.04 -24.94
C PRO B 190 11.04 -10.87 -25.76
N GLY B 191 10.37 -10.64 -26.89
CA GLY B 191 10.72 -9.54 -27.78
C GLY B 191 11.82 -9.86 -28.75
N ILE B 192 12.05 -11.14 -28.99
CA ILE B 192 13.09 -11.59 -29.90
C ILE B 192 12.51 -12.60 -30.89
N GLY B 193 11.83 -12.10 -31.92
CA GLY B 193 11.22 -12.99 -32.92
C GLY B 193 12.18 -13.49 -33.99
N ASN B 194 11.67 -14.25 -34.95
CA ASN B 194 12.50 -14.80 -36.03
C ASN B 194 13.46 -13.83 -36.71
N ILE B 195 12.90 -12.86 -37.43
CA ILE B 195 13.70 -11.88 -38.16
C ILE B 195 14.77 -11.19 -37.30
N THR B 196 14.91 -11.61 -36.05
CA THR B 196 15.92 -11.05 -35.16
C THR B 196 16.78 -12.17 -34.57
N ALA B 197 16.17 -13.33 -34.38
CA ALA B 197 16.89 -14.48 -33.85
C ALA B 197 18.05 -14.78 -34.79
N GLU B 198 17.74 -14.93 -36.08
CA GLU B 198 18.75 -15.20 -37.09
C GLU B 198 19.84 -14.15 -37.10
N LYS B 199 19.47 -12.88 -37.21
CA LYS B 199 20.47 -11.83 -37.23
C LYS B 199 21.44 -12.06 -36.07
N LEU B 200 20.99 -12.79 -35.05
CA LEU B 200 21.83 -13.10 -33.91
C LEU B 200 22.75 -14.27 -34.26
N LYS B 201 22.14 -15.39 -34.65
CA LYS B 201 22.89 -16.59 -35.02
C LYS B 201 24.06 -16.20 -35.93
N LYS B 202 23.88 -15.08 -36.64
CA LYS B 202 24.87 -14.54 -37.56
C LYS B 202 26.18 -14.31 -36.81
N LEU B 203 26.07 -14.13 -35.51
CA LEU B 203 27.25 -13.91 -34.68
C LEU B 203 27.47 -15.16 -33.83
N GLY B 204 26.69 -16.19 -34.11
CA GLY B 204 26.78 -17.46 -33.40
C GLY B 204 26.18 -17.41 -32.02
N ILE B 205 25.18 -16.56 -31.84
CA ILE B 205 24.51 -16.42 -30.54
C ILE B 205 23.24 -17.26 -30.48
N ASN B 206 23.03 -17.91 -29.34
CA ASN B 206 21.85 -18.74 -29.13
C ASN B 206 21.53 -18.82 -27.65
N LYS B 207 22.23 -18.00 -26.86
CA LYS B 207 22.05 -17.93 -25.40
C LYS B 207 22.28 -16.48 -24.96
N LEU B 208 21.55 -16.05 -23.93
CA LEU B 208 21.69 -14.68 -23.44
C LEU B 208 23.14 -14.26 -23.27
N VAL B 209 23.77 -14.84 -22.25
CA VAL B 209 25.17 -14.56 -21.92
C VAL B 209 26.03 -14.23 -23.13
N ASP B 210 25.86 -14.99 -24.22
CA ASP B 210 26.64 -14.77 -25.44
C ASP B 210 26.77 -13.30 -25.79
N THR B 211 25.83 -12.49 -25.31
CA THR B 211 25.84 -11.05 -25.57
C THR B 211 26.94 -10.34 -24.81
N LEU B 212 27.45 -10.98 -23.77
CA LEU B 212 28.51 -10.40 -22.95
C LEU B 212 29.83 -10.39 -23.71
N SER B 213 30.10 -11.47 -24.45
CA SER B 213 31.34 -11.60 -25.24
C SER B 213 31.35 -10.63 -26.43
N ILE B 214 30.35 -10.76 -27.30
CA ILE B 214 30.22 -9.92 -28.50
C ILE B 214 30.52 -8.44 -28.21
N GLU B 215 31.20 -7.79 -29.15
CA GLU B 215 31.52 -6.38 -29.01
C GLU B 215 30.20 -5.63 -29.17
N PHE B 216 29.99 -4.60 -28.36
CA PHE B 216 28.74 -3.84 -28.42
C PHE B 216 28.40 -3.25 -29.79
N ASP B 217 29.26 -2.37 -30.29
CA ASP B 217 29.03 -1.72 -31.59
C ASP B 217 28.70 -2.76 -32.66
N LYS B 218 29.22 -3.96 -32.47
CA LYS B 218 28.96 -5.06 -33.41
C LYS B 218 27.46 -5.36 -33.32
N LEU B 219 26.98 -5.54 -32.09
CA LEU B 219 25.57 -5.84 -31.85
C LEU B 219 24.69 -4.62 -32.16
N LYS B 220 25.16 -3.42 -31.82
CA LYS B 220 24.40 -2.20 -32.09
C LYS B 220 24.18 -2.01 -33.58
N GLY B 221 24.61 -2.99 -34.38
CA GLY B 221 24.46 -2.90 -35.81
C GLY B 221 23.76 -4.10 -36.41
N MET B 222 23.99 -5.26 -35.82
CA MET B 222 23.37 -6.48 -36.33
C MET B 222 21.91 -6.60 -35.87
N ILE B 223 21.51 -5.80 -34.88
CA ILE B 223 20.13 -5.83 -34.36
C ILE B 223 19.56 -4.45 -34.07
N GLY B 224 20.43 -3.53 -33.69
CA GLY B 224 19.97 -2.19 -33.38
C GLY B 224 20.35 -1.83 -31.96
N GLU B 225 20.66 -0.55 -31.75
N GLU B 225 20.67 -0.55 -31.75
CA GLU B 225 21.07 -0.06 -30.45
CA GLU B 225 21.07 -0.07 -30.45
C GLU B 225 20.19 -0.57 -29.31
C GLU B 225 20.18 -0.58 -29.31
N ALA B 226 19.10 0.16 -29.02
CA ALA B 226 18.17 -0.22 -27.96
C ALA B 226 17.85 -1.72 -27.89
N LYS B 227 17.67 -2.34 -29.05
CA LYS B 227 17.36 -3.77 -29.12
C LYS B 227 18.48 -4.59 -28.48
N ALA B 228 19.70 -4.06 -28.52
CA ALA B 228 20.85 -4.75 -27.96
C ALA B 228 21.00 -4.40 -26.48
N LYS B 229 20.87 -3.12 -26.17
CA LYS B 229 20.98 -2.67 -24.80
C LYS B 229 20.00 -3.47 -23.95
N TYR B 230 18.90 -3.88 -24.59
CA TYR B 230 17.86 -4.65 -23.94
C TYR B 230 18.39 -6.02 -23.56
N LEU B 231 18.81 -6.78 -24.56
CA LEU B 231 19.35 -8.12 -24.34
C LEU B 231 20.52 -8.06 -23.38
N ILE B 232 21.38 -7.06 -23.55
CA ILE B 232 22.55 -6.91 -22.70
C ILE B 232 22.17 -6.81 -21.23
N SER B 233 21.37 -5.80 -20.87
CA SER B 233 20.93 -5.61 -19.49
C SER B 233 20.29 -6.88 -18.96
N LEU B 234 19.49 -7.54 -19.78
CA LEU B 234 18.85 -8.79 -19.37
C LEU B 234 19.89 -9.81 -18.97
N ALA B 235 20.98 -9.86 -19.73
CA ALA B 235 22.08 -10.80 -19.50
C ALA B 235 22.85 -10.51 -18.22
N ARG B 236 23.21 -9.24 -18.01
CA ARG B 236 23.94 -8.83 -16.81
C ARG B 236 23.06 -8.83 -15.57
N ASP B 237 21.81 -9.25 -15.71
CA ASP B 237 20.88 -9.28 -14.59
C ASP B 237 20.57 -7.86 -14.09
N GLU B 238 20.98 -6.86 -14.86
CA GLU B 238 20.74 -5.48 -14.48
C GLU B 238 19.57 -4.90 -15.27
N TYR B 239 18.45 -5.61 -15.21
CA TYR B 239 17.23 -5.19 -15.91
C TYR B 239 16.14 -4.97 -14.88
N ASN B 240 15.62 -3.75 -14.80
CA ASN B 240 14.57 -3.42 -13.86
C ASN B 240 13.53 -2.48 -14.48
N GLU B 241 12.56 -3.03 -15.22
CA GLU B 241 11.53 -2.20 -15.80
C GLU B 241 10.33 -2.15 -14.89
N PRO B 242 10.08 -0.97 -14.28
CA PRO B 242 8.98 -0.77 -13.36
C PRO B 242 7.60 -1.05 -13.94
N ILE B 243 6.79 -1.72 -13.14
CA ILE B 243 5.43 -2.02 -13.53
C ILE B 243 4.63 -0.70 -13.54
N ARG B 244 4.49 -0.11 -14.71
CA ARG B 244 3.74 1.15 -14.84
C ARG B 244 2.40 0.96 -15.54
N THR B 245 1.47 1.87 -15.27
CA THR B 245 0.13 1.83 -15.88
C THR B 245 0.22 2.18 -17.36
N ARG B 246 -0.12 1.22 -18.21
CA ARG B 246 -0.05 1.48 -19.64
C ARG B 246 -1.18 2.39 -20.07
N VAL B 247 -0.89 3.23 -21.06
CA VAL B 247 -1.89 4.15 -21.57
C VAL B 247 -1.96 4.04 -23.08
N ARG B 248 -3.12 3.65 -23.58
CA ARG B 248 -3.29 3.50 -25.02
C ARG B 248 -2.70 4.67 -25.80
N LYS B 249 -1.87 4.35 -26.78
CA LYS B 249 -1.25 5.36 -27.60
C LYS B 249 -1.96 5.50 -28.95
N SER B 250 -2.63 4.45 -29.38
CA SER B 250 -3.34 4.49 -30.65
C SER B 250 -4.50 3.52 -30.70
N ILE B 251 -5.51 3.86 -31.49
CA ILE B 251 -6.68 3.03 -31.63
C ILE B 251 -7.07 3.02 -33.09
N GLY B 252 -7.29 1.83 -33.64
CA GLY B 252 -7.65 1.75 -35.05
C GLY B 252 -8.41 0.50 -35.41
N ARG B 253 -8.74 0.37 -36.70
CA ARG B 253 -9.48 -0.79 -37.18
C ARG B 253 -9.08 -1.04 -38.62
N ILE B 254 -8.91 -2.31 -38.97
CA ILE B 254 -8.54 -2.65 -40.33
C ILE B 254 -9.45 -3.80 -40.77
N VAL B 255 -9.98 -3.70 -41.99
CA VAL B 255 -10.90 -4.71 -42.54
C VAL B 255 -10.40 -5.41 -43.80
N THR B 256 -10.98 -6.56 -44.08
CA THR B 256 -10.59 -7.33 -45.26
C THR B 256 -11.67 -7.19 -46.31
N MET B 257 -11.32 -6.67 -47.47
CA MET B 257 -12.29 -6.47 -48.55
C MET B 257 -12.68 -7.81 -49.17
N LYS B 258 -13.94 -7.93 -49.59
CA LYS B 258 -14.44 -9.16 -50.21
C LYS B 258 -13.70 -9.51 -51.50
N ARG B 259 -13.05 -8.52 -52.09
CA ARG B 259 -12.36 -8.75 -53.34
C ARG B 259 -11.30 -7.69 -53.57
N ASN B 260 -10.07 -8.12 -53.87
CA ASN B 260 -8.96 -7.20 -54.12
C ASN B 260 -9.36 -6.13 -55.12
N SER B 261 -8.83 -4.92 -54.97
CA SER B 261 -9.19 -3.82 -55.87
C SER B 261 -8.20 -2.66 -55.84
N ARG B 262 -8.39 -1.71 -56.75
CA ARG B 262 -7.57 -0.49 -56.83
C ARG B 262 -8.51 0.66 -57.08
N ASN B 263 -9.81 0.38 -56.97
CA ASN B 263 -10.80 1.40 -57.18
C ASN B 263 -11.09 2.20 -55.92
N LEU B 264 -10.90 3.51 -55.99
CA LEU B 264 -11.13 4.37 -54.84
C LEU B 264 -12.53 4.19 -54.24
N GLU B 265 -13.55 4.18 -55.11
CA GLU B 265 -14.92 4.03 -54.63
C GLU B 265 -15.20 2.65 -54.07
N GLU B 266 -14.57 1.62 -54.65
CA GLU B 266 -14.75 0.24 -54.18
C GLU B 266 -14.23 0.10 -52.75
N ILE B 267 -13.14 0.78 -52.45
CA ILE B 267 -12.54 0.71 -51.13
C ILE B 267 -13.23 1.60 -50.11
N LYS B 268 -13.55 2.82 -50.52
CA LYS B 268 -14.19 3.80 -49.65
C LYS B 268 -15.13 3.24 -48.61
N PRO B 269 -16.14 2.47 -49.03
CA PRO B 269 -17.08 1.89 -48.07
C PRO B 269 -16.41 1.07 -46.97
N TYR B 270 -15.37 0.33 -47.33
CA TYR B 270 -14.62 -0.48 -46.39
C TYR B 270 -13.87 0.44 -45.44
N LEU B 271 -13.17 1.43 -46.01
CA LEU B 271 -12.39 2.41 -45.24
C LEU B 271 -13.23 3.16 -44.24
N PHE B 272 -14.40 3.60 -44.68
CA PHE B 272 -15.29 4.35 -43.81
C PHE B 272 -15.80 3.50 -42.64
N ARG B 273 -16.10 2.23 -42.90
N ARG B 273 -16.10 2.23 -42.90
CA ARG B 273 -16.57 1.36 -41.84
CA ARG B 273 -16.57 1.35 -41.83
C ARG B 273 -15.49 1.31 -40.77
C ARG B 273 -15.49 1.32 -40.77
N ALA B 274 -14.24 1.24 -41.22
CA ALA B 274 -13.10 1.21 -40.30
C ALA B 274 -13.10 2.50 -39.48
N ILE B 275 -13.13 3.64 -40.16
CA ILE B 275 -13.17 4.92 -39.48
C ILE B 275 -14.31 4.93 -38.48
N GLU B 276 -15.48 4.47 -38.91
CA GLU B 276 -16.63 4.39 -38.01
C GLU B 276 -16.29 3.65 -36.73
N GLU B 277 -15.80 2.42 -36.87
CA GLU B 277 -15.45 1.61 -35.71
C GLU B 277 -14.32 2.22 -34.87
N SER B 278 -13.35 2.82 -35.56
CA SER B 278 -12.22 3.43 -34.87
C SER B 278 -12.68 4.57 -33.99
N TYR B 279 -13.38 5.52 -34.58
CA TYR B 279 -13.88 6.69 -33.87
C TYR B 279 -14.78 6.27 -32.70
N TYR B 280 -15.42 5.12 -32.85
CA TYR B 280 -16.25 4.60 -31.77
C TYR B 280 -15.36 4.15 -30.62
N LYS B 281 -14.29 3.43 -30.93
CA LYS B 281 -13.39 2.94 -29.90
C LYS B 281 -12.62 4.07 -29.23
N LEU B 282 -12.48 5.19 -29.94
CA LEU B 282 -11.76 6.35 -29.42
C LEU B 282 -12.34 6.79 -28.10
N ASP B 283 -13.67 6.70 -28.00
CA ASP B 283 -14.38 7.10 -26.79
C ASP B 283 -14.35 8.63 -26.67
N LYS B 284 -13.59 9.13 -25.71
CA LYS B 284 -13.50 10.57 -25.50
C LYS B 284 -12.27 11.12 -26.18
N ARG B 285 -11.27 10.27 -26.33
CA ARG B 285 -10.02 10.66 -26.92
C ARG B 285 -10.15 11.38 -28.26
N ILE B 286 -9.36 12.45 -28.41
CA ILE B 286 -9.38 13.24 -29.64
C ILE B 286 -8.02 13.09 -30.30
N PRO B 287 -7.97 12.42 -31.45
CA PRO B 287 -6.69 12.22 -32.13
C PRO B 287 -6.24 13.41 -32.96
N LYS B 288 -4.96 13.74 -32.87
CA LYS B 288 -4.42 14.83 -33.66
C LYS B 288 -3.76 14.23 -34.88
N ALA B 289 -3.50 12.92 -34.82
CA ALA B 289 -2.87 12.22 -35.93
C ALA B 289 -3.70 11.04 -36.43
N ILE B 290 -3.62 10.81 -37.74
CA ILE B 290 -4.36 9.73 -38.40
C ILE B 290 -3.54 9.08 -39.51
N HIS B 291 -3.57 7.75 -39.57
CA HIS B 291 -2.85 6.98 -40.59
C HIS B 291 -3.77 6.04 -41.35
N VAL B 292 -3.50 5.86 -42.63
CA VAL B 292 -4.30 4.94 -43.42
C VAL B 292 -3.40 3.76 -43.74
N VAL B 293 -3.73 2.58 -43.22
CA VAL B 293 -2.92 1.40 -43.47
C VAL B 293 -3.62 0.51 -44.48
N ALA B 294 -2.84 0.01 -45.45
CA ALA B 294 -3.38 -0.86 -46.46
C ALA B 294 -2.50 -2.09 -46.63
N VAL B 295 -3.14 -3.23 -46.86
CA VAL B 295 -2.41 -4.48 -47.05
C VAL B 295 -2.66 -4.91 -48.49
N THR B 296 -1.56 -5.02 -49.25
CA THR B 296 -1.62 -5.39 -50.65
C THR B 296 -1.92 -6.85 -50.92
N GLU B 297 -2.16 -7.16 -52.19
N GLU B 297 -2.15 -7.15 -52.20
CA GLU B 297 -2.46 -8.52 -52.63
CA GLU B 297 -2.45 -8.49 -52.67
C GLU B 297 -1.36 -9.49 -52.25
C GLU B 297 -1.37 -9.48 -52.27
N ASP B 298 -0.13 -9.01 -52.23
CA ASP B 298 1.02 -9.85 -51.88
C ASP B 298 1.40 -9.75 -50.38
N LEU B 299 0.42 -9.35 -49.59
CA LEU B 299 0.56 -9.24 -48.15
C LEU B 299 1.58 -8.21 -47.66
N ASP B 300 2.06 -7.36 -48.54
CA ASP B 300 3.01 -6.34 -48.12
C ASP B 300 2.13 -5.28 -47.43
N ILE B 301 2.73 -4.42 -46.62
CA ILE B 301 1.98 -3.40 -45.88
C ILE B 301 2.46 -1.98 -46.15
N VAL B 302 1.55 -1.12 -46.59
CA VAL B 302 1.87 0.28 -46.87
C VAL B 302 0.91 1.17 -46.09
N SER B 303 1.27 2.44 -45.93
CA SER B 303 0.42 3.39 -45.21
C SER B 303 1.02 4.79 -45.21
N ARG B 304 0.15 5.80 -45.23
CA ARG B 304 0.58 7.19 -45.20
C ARG B 304 -0.28 7.90 -44.16
N GLY B 305 0.34 8.63 -43.25
CA GLY B 305 -0.41 9.32 -42.23
C GLY B 305 -0.33 10.83 -42.32
N ARG B 306 -0.68 11.50 -41.23
CA ARG B 306 -0.65 12.96 -41.19
C ARG B 306 -1.02 13.46 -39.79
N THR B 307 -0.27 14.46 -39.31
CA THR B 307 -0.51 15.01 -37.99
C THR B 307 -0.99 16.44 -38.06
N PHE B 308 -2.23 16.66 -37.64
CA PHE B 308 -2.82 17.98 -37.65
C PHE B 308 -2.56 18.66 -36.32
N PRO B 309 -2.46 20.00 -36.32
CA PRO B 309 -2.21 20.74 -35.07
C PRO B 309 -3.44 20.77 -34.18
N HIS B 310 -4.52 20.13 -34.61
CA HIS B 310 -5.74 20.12 -33.82
C HIS B 310 -6.36 18.72 -33.82
N GLY B 311 -7.43 18.57 -33.05
CA GLY B 311 -8.11 17.29 -32.96
C GLY B 311 -8.95 16.97 -34.18
N ILE B 312 -8.61 15.86 -34.84
CA ILE B 312 -9.32 15.43 -36.04
C ILE B 312 -10.76 15.02 -35.77
N SER B 313 -11.71 15.70 -36.41
CA SER B 313 -13.11 15.36 -36.22
C SER B 313 -13.45 14.19 -37.14
N LYS B 314 -14.59 13.55 -36.88
CA LYS B 314 -15.00 12.42 -37.67
C LYS B 314 -15.14 12.81 -39.13
N GLU B 315 -15.76 13.96 -39.35
CA GLU B 315 -15.94 14.44 -40.71
C GLU B 315 -14.60 14.77 -41.34
N THR B 316 -13.61 15.09 -40.52
CA THR B 316 -12.29 15.44 -41.04
C THR B 316 -11.49 14.18 -41.39
N ALA B 317 -11.72 13.12 -40.60
CA ALA B 317 -11.06 11.84 -40.81
C ALA B 317 -11.43 11.35 -42.20
N TYR B 318 -12.73 11.34 -42.49
CA TYR B 318 -13.24 10.93 -43.81
C TYR B 318 -12.47 11.59 -44.93
N SER B 319 -12.55 12.92 -44.98
CA SER B 319 -11.87 13.68 -46.01
C SER B 319 -10.40 13.31 -46.16
N GLU B 320 -9.68 13.36 -45.05
CA GLU B 320 -8.26 13.07 -45.04
C GLU B 320 -7.92 11.62 -45.35
N SER B 321 -8.74 10.70 -44.84
CA SER B 321 -8.53 9.28 -45.06
C SER B 321 -8.57 8.97 -46.55
N VAL B 322 -9.51 9.61 -47.24
CA VAL B 322 -9.66 9.45 -48.68
C VAL B 322 -8.38 9.94 -49.36
N LYS B 323 -7.91 11.11 -48.93
CA LYS B 323 -6.69 11.67 -49.49
C LYS B 323 -5.54 10.71 -49.26
N LEU B 324 -5.29 10.39 -47.99
CA LEU B 324 -4.20 9.50 -47.65
C LEU B 324 -4.25 8.22 -48.46
N LEU B 325 -5.44 7.69 -48.68
CA LEU B 325 -5.56 6.46 -49.46
C LEU B 325 -5.14 6.70 -50.90
N GLN B 326 -5.69 7.76 -51.50
CA GLN B 326 -5.35 8.10 -52.88
C GLN B 326 -3.84 8.17 -53.04
N LYS B 327 -3.18 8.76 -52.04
CA LYS B 327 -1.73 8.90 -52.04
C LYS B 327 -1.09 7.52 -52.12
N ILE B 328 -1.81 6.51 -51.67
CA ILE B 328 -1.33 5.12 -51.68
C ILE B 328 -1.57 4.48 -53.04
N LEU B 329 -2.83 4.41 -53.45
CA LEU B 329 -3.18 3.84 -54.75
C LEU B 329 -2.32 4.50 -55.83
N GLU B 330 -2.09 5.81 -55.64
CA GLU B 330 -1.32 6.64 -56.56
C GLU B 330 0.15 6.24 -56.68
N GLU B 331 0.81 6.09 -55.55
CA GLU B 331 2.21 5.70 -55.54
C GLU B 331 2.42 4.21 -55.71
N ASP B 332 2.09 3.43 -54.70
CA ASP B 332 2.24 1.99 -54.79
C ASP B 332 1.17 1.42 -55.71
N GLU B 333 1.50 0.35 -56.44
CA GLU B 333 0.55 -0.29 -57.32
C GLU B 333 -0.01 -1.52 -56.61
N ARG B 334 -0.26 -2.58 -57.37
CA ARG B 334 -0.81 -3.80 -56.79
C ARG B 334 -2.18 -3.46 -56.22
N LYS B 335 -3.07 -4.43 -56.19
CA LYS B 335 -4.40 -4.20 -55.67
C LYS B 335 -4.28 -4.18 -54.15
N ILE B 336 -5.27 -3.63 -53.45
CA ILE B 336 -5.24 -3.62 -52.00
C ILE B 336 -6.12 -4.75 -51.52
N ARG B 337 -5.65 -5.49 -50.52
CA ARG B 337 -6.40 -6.62 -49.98
C ARG B 337 -7.17 -6.24 -48.72
N ARG B 338 -6.52 -5.47 -47.86
CA ARG B 338 -7.11 -5.02 -46.60
C ARG B 338 -6.85 -3.53 -46.42
N ILE B 339 -7.85 -2.80 -45.90
CA ILE B 339 -7.72 -1.36 -45.71
C ILE B 339 -8.20 -1.01 -44.32
N GLY B 340 -7.53 -0.06 -43.70
CA GLY B 340 -7.92 0.33 -42.35
C GLY B 340 -7.33 1.67 -41.99
N VAL B 341 -7.61 2.10 -40.76
CA VAL B 341 -7.11 3.38 -40.27
C VAL B 341 -6.65 3.27 -38.83
N ARG B 342 -5.75 4.15 -38.42
CA ARG B 342 -5.25 4.13 -37.05
C ARG B 342 -5.10 5.56 -36.59
N PHE B 343 -5.61 5.84 -35.40
CA PHE B 343 -5.53 7.17 -34.82
C PHE B 343 -4.53 7.18 -33.68
N SER B 344 -3.89 8.33 -33.49
CA SER B 344 -2.88 8.48 -32.43
C SER B 344 -2.75 9.92 -31.96
N LYS B 345 -1.70 10.18 -31.19
CA LYS B 345 -1.44 11.51 -30.63
C LYS B 345 -2.71 12.08 -30.08
N PHE B 346 -3.32 11.34 -29.17
CA PHE B 346 -4.56 11.75 -28.54
C PHE B 346 -4.34 13.02 -27.70
N ILE B 347 -5.27 13.96 -27.81
CA ILE B 347 -5.19 15.19 -27.04
C ILE B 347 -5.56 14.91 -25.59
N GLU B 348 -4.63 15.22 -24.69
CA GLU B 348 -4.84 15.03 -23.27
C GLU B 348 -5.12 16.36 -22.58
N ALA B 349 -4.19 17.19 -22.56
P DFT D 6 -0.10 6.96 13.20
OP1 DFT D 6 1.11 6.75 12.40
OP2 DFT D 6 -1.33 6.20 12.87
O5' DFT D 6 0.26 6.63 14.70
C5' DFT D 6 1.37 7.28 15.34
C4' DFT D 6 1.20 7.22 16.84
O4' DFT D 6 -0.02 7.87 17.25
C3' DFT D 6 1.06 5.83 17.45
O3' DFT D 6 2.38 5.34 17.79
C2' DFT D 6 0.25 6.08 18.71
C1' DFT D 6 0.01 7.60 18.65
C2 DFT D 6 -1.29 8.51 20.61
C4 DFT D 6 -3.62 9.07 20.41
C5 DFT D 6 -3.60 8.61 19.08
C5M DFT D 6 -4.87 8.67 18.24
C6 DFT D 6 -2.46 8.10 18.53
F4 DFT D 6 -4.73 9.59 20.94
C3 DFT D 6 -2.47 9.02 21.17
F2 DFT D 6 -0.19 8.47 21.37
C1 DFT D 6 -1.29 8.06 19.30
P DFT F 6 -9.76 -8.59 -40.66
OP1 DFT F 6 -11.22 -8.35 -40.49
OP2 DFT F 6 -9.04 -7.87 -41.75
O5' DFT F 6 -9.03 -8.24 -39.31
C5' DFT F 6 -9.51 -8.78 -38.08
C4' DFT F 6 -8.57 -8.42 -36.95
O4' DFT F 6 -7.38 -9.21 -37.04
C3' DFT F 6 -8.12 -6.97 -36.95
O3' DFT F 6 -8.41 -6.42 -35.68
C2' DFT F 6 -6.61 -7.07 -37.14
C1' DFT F 6 -6.36 -8.40 -36.45
C2 DFT F 6 -4.14 -9.43 -35.82
C4 DFT F 6 -2.50 -10.00 -37.47
C5 DFT F 6 -3.35 -9.52 -38.47
C5M DFT F 6 -2.93 -9.61 -39.93
C6 DFT F 6 -4.59 -9.00 -38.15
F4 DFT F 6 -1.28 -10.48 -37.78
C3 DFT F 6 -2.89 -9.96 -36.14
F2 DFT F 6 -4.52 -9.43 -34.53
C1 DFT F 6 -4.97 -8.96 -36.81
CA CA G . 5.49 16.32 30.51
CA CA H . -9.84 16.45 33.57
N1 DCT I . -0.46 13.64 23.99
C2 DCT I . -0.69 13.06 22.74
N3 DCT I . -1.89 13.34 22.08
C4 DCT I . -2.83 14.20 22.66
C5 DCT I . -2.59 14.76 23.91
C6 DCT I . -1.40 14.49 24.58
O2 DCT I . 0.14 12.31 22.25
N4 DCT I . -3.96 14.48 22.03
C1' DCT I . 0.87 13.47 24.62
C2' DCT I . 1.68 14.76 24.46
C3' DCT I . 2.82 14.42 25.41
C4' DCT I . 2.08 13.71 26.54
O4' DCT I . 0.77 13.41 26.05
C5' DCT I . 1.95 14.62 27.77
O5' DCT I . 1.16 15.79 27.53
PA DCT I . 1.23 16.97 28.62
O1A DCT I . 1.84 16.47 29.86
O2A DCT I . -0.11 17.59 28.70
O3A DCT I . 2.25 18.01 27.93
PB DCT I . 3.82 17.69 27.75
O1B DCT I . 4.29 18.22 26.46
O2B DCT I . 4.06 16.26 28.05
O3B DCT I . 4.49 18.55 28.91
PG DCT I . 3.54 19.26 30.00
O1G DCT I . 3.17 18.12 31.07
O2G DCT I . 4.46 20.35 30.75
O3G DCT I . 2.33 19.88 29.40
CA CA J . -0.57 16.22 31.65
CA CA K . -2.84 -15.91 -22.77
CA CA L . 10.93 -15.60 -29.97
CA CA M . 2.83 -15.77 -26.10
N1 DCT N . -3.31 -13.62 -30.77
C2 DCT N . -3.81 -13.27 -32.03
N3 DCT N . -3.08 -13.61 -33.17
C4 DCT N . -1.86 -14.29 -33.05
C5 DCT N . -1.38 -14.64 -31.80
C6 DCT N . -2.10 -14.31 -30.65
O2 DCT N . -4.87 -12.66 -32.13
N4 DCT N . -1.15 -14.60 -34.14
C1' DCT N . -4.06 -13.23 -29.55
C2' DCT N . -4.98 -14.37 -29.12
C3' DCT N . -4.96 -14.16 -27.61
C4' DCT N . -3.46 -13.95 -27.43
O4' DCT N . -3.16 -12.98 -28.45
C5' DCT N . -2.74 -15.24 -27.79
O5' DCT N . -1.46 -15.28 -27.14
PA DCT N . -0.59 -16.63 -27.22
O1A DCT N . 0.72 -16.31 -26.63
O2A DCT N . -0.61 -17.19 -28.59
O3A DCT N . -1.23 -17.65 -26.15
PB DCT N . -2.80 -17.63 -25.78
O1B DCT N . -3.50 -18.66 -26.58
O2B DCT N . -3.32 -16.25 -25.78
O3B DCT N . -2.79 -18.11 -24.25
PG DCT N . -1.64 -19.12 -23.75
O1G DCT N . -0.26 -18.63 -24.39
O2G DCT N . -1.52 -18.86 -22.17
O3G DCT N . -1.94 -20.54 -24.05
#